data_8VR3
#
_entry.id   8VR3
#
_cell.length_a   116.019
_cell.length_b   157.970
_cell.length_c   130.591
_cell.angle_alpha   90.00
_cell.angle_beta   90.00
_cell.angle_gamma   90.00
#
_symmetry.space_group_name_H-M   'C 2 2 21'
#
loop_
_entity.id
_entity.type
_entity.pdbx_description
1 polymer 'DegT/DnrJ/EryC1/StrS aminotransferase'
2 non-polymer 1,2-ETHANEDIOL
3 non-polymer 'SODIUM ION'
4 non-polymer "2,2'-(1,4-diazepane-1,4-diyl)di(ethane-1-sulfonic acid)"
5 non-polymer 'CHLORIDE ION'
6 water water
#
_entity_poly.entity_id   1
_entity_poly.type   'polypeptide(L)'
_entity_poly.pdbx_seq_one_letter_code
;GHMIKLSQPTIPEAAIERVSEILRSGQLVHGEECESFEQELASFLGVKHALVVSNGTAALHLALLALDIGVGDAVIVPDF
TFAATANIVEMTGAKAIIVDVDIETYNMDSELLESCIQSWSGPEKLKAIMPVLEFGNPHGLKKYREIANKYNLALIEDAA
CALGAKEQDVMVGTVGDMGCFSFHPR(LLP)TLTTGEGGALVTNNDQLYEKAKLLRSHGMMRGEFGIEFRCIGLNYRLTN
FQAAIGRAILPKLNGWIERRRELATIYEDALAPLEQQGLIRLPKIVEGHSVQTYMIVLSDQFNRTEVMKALKEGGIESSL
GAQSMSELKLFNHDSNTKSNYIIGPKLYIYGLALPLHEHLNIDDVNKITETLEQILLK
;
_entity_poly.pdbx_strand_id   A,B
#
loop_
_chem_comp.id
_chem_comp.type
_chem_comp.name
_chem_comp.formula
A1ADI non-polymer '2,2'-(1,4-diazepane-1,4-diyl)di(ethane-1-sulfonic acid)' 'C9 H20 N2 O6 S2'
CL non-polymer 'CHLORIDE ION' 'Cl -1'
EDO non-polymer 1,2-ETHANEDIOL 'C2 H6 O2'
NA non-polymer 'SODIUM ION' 'Na 1'
#
# COMPACT_ATOMS: atom_id res chain seq x y z
N MET A 3 -19.63 -11.09 -44.00
CA MET A 3 -18.57 -10.16 -43.51
C MET A 3 -18.01 -10.69 -42.18
N ILE A 4 -16.69 -10.87 -42.09
CA ILE A 4 -16.09 -11.26 -40.83
C ILE A 4 -15.80 -9.98 -40.03
N LYS A 5 -16.38 -9.88 -38.84
CA LYS A 5 -16.33 -8.66 -38.03
C LYS A 5 -15.20 -8.76 -37.02
N LEU A 6 -14.56 -7.62 -36.73
CA LEU A 6 -13.61 -7.46 -35.64
C LEU A 6 -14.25 -7.77 -34.28
N SER A 7 -15.49 -7.29 -34.12
CA SER A 7 -16.18 -7.39 -32.85
C SER A 7 -17.64 -7.77 -33.09
N GLN A 8 -18.13 -8.66 -32.23
CA GLN A 8 -19.51 -9.13 -32.24
C GLN A 8 -19.89 -9.36 -30.77
N PRO A 9 -20.32 -8.29 -30.05
CA PRO A 9 -20.69 -8.41 -28.65
C PRO A 9 -21.70 -9.51 -28.38
N THR A 10 -21.40 -10.24 -27.29
CA THR A 10 -22.10 -11.45 -26.93
C THR A 10 -22.84 -11.21 -25.61
N ILE A 11 -24.16 -10.99 -25.69
CA ILE A 11 -25.03 -10.87 -24.56
C ILE A 11 -25.80 -12.17 -24.42
N PRO A 12 -25.54 -12.98 -23.37
CA PRO A 12 -26.26 -14.24 -23.20
C PRO A 12 -27.76 -14.02 -23.10
N GLU A 13 -28.54 -14.94 -23.68
CA GLU A 13 -29.99 -14.85 -23.67
C GLU A 13 -30.53 -14.73 -22.25
N ALA A 14 -29.91 -15.40 -21.28
CA ALA A 14 -30.31 -15.25 -19.89
C ALA A 14 -30.29 -13.77 -19.50
N ALA A 15 -29.15 -13.12 -19.77
CA ALA A 15 -28.99 -11.69 -19.53
C ALA A 15 -30.10 -10.88 -20.22
N ILE A 16 -30.38 -11.20 -21.48
CA ILE A 16 -31.42 -10.47 -22.18
C ILE A 16 -32.77 -10.57 -21.45
N GLU A 17 -33.11 -11.76 -20.94
CA GLU A 17 -34.38 -11.96 -20.26
C GLU A 17 -34.38 -11.24 -18.92
N ARG A 18 -33.25 -11.25 -18.22
CA ARG A 18 -33.13 -10.55 -16.96
C ARG A 18 -33.24 -9.03 -17.14
N VAL A 19 -32.63 -8.49 -18.20
CA VAL A 19 -32.78 -7.07 -18.51
C VAL A 19 -34.27 -6.75 -18.73
N SER A 20 -34.98 -7.65 -19.41
CA SER A 20 -36.40 -7.44 -19.67
C SER A 20 -37.18 -7.44 -18.36
N GLU A 21 -36.85 -8.37 -17.44
CA GLU A 21 -37.52 -8.41 -16.14
C GLU A 21 -37.27 -7.10 -15.39
N ILE A 22 -36.01 -6.63 -15.35
CA ILE A 22 -35.68 -5.42 -14.62
C ILE A 22 -36.46 -4.21 -15.18
N LEU A 23 -36.43 -4.03 -16.50
CA LEU A 23 -37.12 -2.91 -17.12
C LEU A 23 -38.62 -2.94 -16.81
N ARG A 24 -39.22 -4.14 -16.82
CA ARG A 24 -40.65 -4.30 -16.65
C ARG A 24 -41.07 -4.04 -15.20
N SER A 25 -40.26 -4.47 -14.25
CA SER A 25 -40.52 -4.29 -12.83
C SER A 25 -40.21 -2.88 -12.35
N GLY A 26 -39.40 -2.13 -13.12
CA GLY A 26 -39.02 -0.75 -12.81
C GLY A 26 -37.99 -0.59 -11.68
N GLN A 27 -37.11 -1.58 -11.46
CA GLN A 27 -36.01 -1.50 -10.50
C GLN A 27 -34.66 -1.12 -11.13
N LEU A 28 -34.44 0.16 -11.43
CA LEU A 28 -33.51 0.57 -12.48
C LEU A 28 -32.13 1.04 -11.98
N VAL A 29 -32.11 1.89 -10.94
CA VAL A 29 -30.89 2.51 -10.45
C VAL A 29 -30.00 1.43 -9.84
N HIS A 30 -28.66 1.67 -9.80
CA HIS A 30 -27.73 0.83 -9.05
C HIS A 30 -28.50 0.17 -7.89
N GLY A 31 -28.60 -1.17 -7.93
CA GLY A 31 -29.33 -1.87 -6.89
C GLY A 31 -28.56 -3.10 -6.42
N GLU A 32 -29.30 -4.09 -5.93
CA GLU A 32 -28.71 -5.36 -5.56
C GLU A 32 -27.87 -5.92 -6.71
N GLU A 33 -28.24 -5.56 -7.94
CA GLU A 33 -27.60 -6.11 -9.12
C GLU A 33 -26.14 -5.62 -9.22
N CYS A 34 -25.94 -4.31 -9.00
CA CYS A 34 -24.61 -3.71 -8.99
C CYS A 34 -23.78 -4.25 -7.83
N GLU A 35 -24.39 -4.34 -6.64
CA GLU A 35 -23.73 -4.85 -5.45
C GLU A 35 -23.25 -6.28 -5.66
N SER A 36 -24.13 -7.11 -6.20
CA SER A 36 -23.79 -8.49 -6.51
C SER A 36 -22.66 -8.58 -7.55
N PHE A 37 -22.72 -7.76 -8.60
CA PHE A 37 -21.69 -7.74 -9.64
C PHE A 37 -20.34 -7.42 -9.00
N GLU A 38 -20.34 -6.42 -8.14
CA GLU A 38 -19.14 -6.00 -7.44
C GLU A 38 -18.55 -7.15 -6.61
N GLN A 39 -19.39 -7.84 -5.83
CA GLN A 39 -18.99 -8.99 -5.05
C GLN A 39 -18.40 -10.06 -5.96
N GLU A 40 -19.12 -10.33 -7.05
CA GLU A 40 -18.73 -11.38 -7.98
C GLU A 40 -17.41 -11.02 -8.70
N LEU A 41 -17.23 -9.74 -9.07
CA LEU A 41 -15.96 -9.28 -9.62
C LEU A 41 -14.83 -9.44 -8.61
N ALA A 42 -15.05 -9.02 -7.36
CA ALA A 42 -14.01 -9.06 -6.35
C ALA A 42 -13.54 -10.50 -6.09
N SER A 43 -14.48 -11.46 -6.16
CA SER A 43 -14.16 -12.85 -5.92
CA SER A 43 -14.20 -12.87 -5.94
C SER A 43 -13.43 -13.42 -7.12
N PHE A 44 -13.95 -13.13 -8.31
CA PHE A 44 -13.24 -13.46 -9.54
C PHE A 44 -11.79 -12.96 -9.53
N LEU A 45 -11.56 -11.72 -9.07
CA LEU A 45 -10.22 -11.17 -9.13
C LEU A 45 -9.37 -11.54 -7.90
N GLY A 46 -10.01 -11.88 -6.75
CA GLY A 46 -9.26 -12.09 -5.52
C GLY A 46 -8.80 -10.77 -4.92
N VAL A 47 -9.68 -9.79 -5.00
CA VAL A 47 -9.35 -8.44 -4.56
C VAL A 47 -10.41 -8.02 -3.55
N LYS A 48 -10.08 -7.08 -2.68
CA LYS A 48 -10.95 -6.76 -1.56
C LYS A 48 -12.19 -6.00 -2.01
N HIS A 49 -12.02 -5.02 -2.88
CA HIS A 49 -13.11 -4.11 -3.22
C HIS A 49 -13.30 -3.96 -4.73
N ALA A 50 -14.56 -3.93 -5.17
CA ALA A 50 -14.92 -3.58 -6.53
C ALA A 50 -16.03 -2.54 -6.52
N LEU A 51 -15.93 -1.58 -7.48
CA LEU A 51 -16.95 -0.58 -7.73
C LEU A 51 -17.25 -0.53 -9.21
N VAL A 52 -18.50 -0.84 -9.58
CA VAL A 52 -18.88 -0.71 -10.97
C VAL A 52 -19.35 0.72 -11.23
N VAL A 53 -19.06 1.15 -12.46
CA VAL A 53 -19.17 2.56 -12.84
C VAL A 53 -19.59 2.64 -14.32
N SER A 54 -19.82 3.87 -14.77
CA SER A 54 -20.38 4.20 -16.07
C SER A 54 -19.56 3.62 -17.22
N ASN A 55 -18.23 3.63 -17.12
CA ASN A 55 -17.32 3.30 -18.21
C ASN A 55 -15.89 3.22 -17.66
N GLY A 56 -14.97 2.65 -18.45
CA GLY A 56 -13.59 2.46 -18.01
C GLY A 56 -12.86 3.80 -17.78
N THR A 57 -13.22 4.82 -18.54
CA THR A 57 -12.68 6.17 -18.31
C THR A 57 -13.05 6.64 -16.90
N ALA A 58 -14.31 6.43 -16.51
CA ALA A 58 -14.78 6.87 -15.18
C ALA A 58 -14.02 6.15 -14.05
N ALA A 59 -13.63 4.89 -14.27
CA ALA A 59 -12.85 4.13 -13.32
C ALA A 59 -11.47 4.79 -13.17
N LEU A 60 -10.80 5.12 -14.29
CA LEU A 60 -9.50 5.80 -14.22
C LEU A 60 -9.64 7.14 -13.52
N HIS A 61 -10.73 7.85 -13.78
CA HIS A 61 -10.94 9.21 -13.26
C HIS A 61 -11.07 9.17 -11.73
N LEU A 62 -11.92 8.25 -11.27
CA LEU A 62 -12.18 8.07 -9.83
C LEU A 62 -10.90 7.62 -9.16
N ALA A 63 -10.10 6.79 -9.85
CA ALA A 63 -8.81 6.35 -9.28
C ALA A 63 -7.94 7.59 -9.06
N LEU A 64 -7.86 8.46 -10.07
CA LEU A 64 -7.07 9.67 -9.96
C LEU A 64 -7.58 10.55 -8.82
N LEU A 65 -8.87 10.80 -8.80
CA LEU A 65 -9.46 11.70 -7.81
C LEU A 65 -9.31 11.13 -6.38
N ALA A 66 -9.43 9.82 -6.23
CA ALA A 66 -9.28 9.16 -4.94
C ALA A 66 -7.87 9.29 -4.37
N LEU A 67 -6.85 9.28 -5.26
CA LEU A 67 -5.46 9.52 -4.88
C LEU A 67 -5.16 11.01 -4.87
N ASP A 68 -6.15 11.85 -5.04
CA ASP A 68 -5.94 13.28 -4.93
C ASP A 68 -4.88 13.75 -5.95
N ILE A 69 -4.97 13.27 -7.21
CA ILE A 69 -4.06 13.69 -8.27
CA ILE A 69 -4.06 13.71 -8.26
C ILE A 69 -4.77 14.78 -9.07
N GLY A 70 -4.11 15.92 -9.27
CA GLY A 70 -4.69 16.99 -10.06
C GLY A 70 -3.66 18.04 -10.42
N VAL A 71 -4.06 19.30 -10.39
CA VAL A 71 -3.17 20.41 -10.73
C VAL A 71 -1.89 20.33 -9.88
N GLY A 72 -0.73 20.49 -10.53
CA GLY A 72 0.57 20.45 -9.87
C GLY A 72 1.16 19.06 -9.83
N ASP A 73 0.40 18.06 -10.33
CA ASP A 73 0.86 16.68 -10.29
C ASP A 73 1.12 16.15 -11.69
N ALA A 74 1.83 15.01 -11.75
CA ALA A 74 2.16 14.36 -13.00
C ALA A 74 1.96 12.85 -12.85
N VAL A 75 1.57 12.23 -13.97
CA VAL A 75 1.30 10.80 -14.06
C VAL A 75 1.91 10.29 -15.35
N ILE A 76 2.63 9.19 -15.26
CA ILE A 76 3.28 8.59 -16.41
C ILE A 76 2.30 7.63 -17.08
N VAL A 77 2.15 7.76 -18.40
CA VAL A 77 1.25 6.97 -19.21
C VAL A 77 2.05 6.36 -20.35
N PRO A 78 1.59 5.28 -21.01
CA PRO A 78 2.32 4.75 -22.16
C PRO A 78 1.99 5.51 -23.44
N ASP A 79 2.95 5.52 -24.40
CA ASP A 79 2.71 6.21 -25.66
C ASP A 79 1.62 5.48 -26.44
N PHE A 80 1.59 4.17 -26.37
CA PHE A 80 0.63 3.39 -27.12
C PHE A 80 -0.54 2.94 -26.24
N THR A 81 -1.73 3.46 -26.56
CA THR A 81 -2.94 3.22 -25.78
C THR A 81 -4.09 3.94 -26.47
N PHE A 82 -5.28 3.83 -25.88
CA PHE A 82 -6.42 4.64 -26.29
C PHE A 82 -6.26 6.00 -25.63
N ALA A 83 -6.70 7.07 -26.32
CA ALA A 83 -6.54 8.44 -25.86
C ALA A 83 -6.99 8.66 -24.40
N ALA A 84 -8.06 7.99 -23.98
CA ALA A 84 -8.61 8.16 -22.65
C ALA A 84 -7.54 8.08 -21.55
N THR A 85 -6.56 7.19 -21.72
CA THR A 85 -5.54 7.00 -20.71
C THR A 85 -4.88 8.34 -20.38
N ALA A 86 -4.42 9.06 -21.41
CA ALA A 86 -3.68 10.30 -21.19
C ALA A 86 -4.65 11.45 -20.95
N ASN A 87 -5.77 11.45 -21.65
CA ASN A 87 -6.78 12.48 -21.54
C ASN A 87 -7.30 12.61 -20.10
N ILE A 88 -7.59 11.47 -19.45
CA ILE A 88 -8.26 11.53 -18.17
C ILE A 88 -7.29 12.07 -17.12
N VAL A 89 -5.99 11.78 -17.27
CA VAL A 89 -4.99 12.40 -16.42
C VAL A 89 -5.11 13.93 -16.55
N GLU A 90 -5.20 14.46 -17.77
CA GLU A 90 -5.17 15.92 -17.93
C GLU A 90 -6.53 16.54 -17.62
N MET A 91 -7.61 15.74 -17.67
CA MET A 91 -8.90 16.25 -17.25
C MET A 91 -8.86 16.60 -15.75
N THR A 92 -7.97 16.01 -14.96
CA THR A 92 -7.86 16.35 -13.55
C THR A 92 -6.98 17.57 -13.33
N GLY A 93 -6.31 18.08 -14.36
CA GLY A 93 -5.39 19.19 -14.18
C GLY A 93 -3.94 18.73 -14.05
N ALA A 94 -3.69 17.42 -13.84
CA ALA A 94 -2.35 16.87 -13.87
C ALA A 94 -1.83 16.82 -15.30
N LYS A 95 -0.53 16.54 -15.43
CA LYS A 95 0.14 16.43 -16.71
C LYS A 95 0.48 14.97 -17.03
N ALA A 96 0.14 14.56 -18.27
CA ALA A 96 0.45 13.21 -18.73
C ALA A 96 1.87 13.20 -19.26
N ILE A 97 2.69 12.36 -18.64
CA ILE A 97 4.09 12.21 -18.98
C ILE A 97 4.27 10.87 -19.70
N ILE A 98 4.61 10.92 -21.00
CA ILE A 98 4.57 9.76 -21.88
C ILE A 98 5.89 9.01 -21.85
N VAL A 99 5.80 7.66 -21.76
CA VAL A 99 6.92 6.76 -21.88
C VAL A 99 6.60 5.76 -22.98
N ASP A 100 7.63 5.40 -23.76
CA ASP A 100 7.42 4.57 -24.93
C ASP A 100 7.10 3.13 -24.51
N VAL A 101 6.56 2.35 -25.44
CA VAL A 101 6.29 0.95 -25.16
C VAL A 101 7.36 0.03 -25.78
N ASP A 102 7.26 -1.25 -25.41
CA ASP A 102 8.11 -2.34 -25.84
C ASP A 102 7.51 -2.96 -27.10
N ILE A 103 8.36 -3.24 -28.10
CA ILE A 103 7.89 -3.67 -29.43
C ILE A 103 7.26 -5.06 -29.33
N GLU A 104 7.64 -5.83 -28.30
CA GLU A 104 7.22 -7.22 -28.21
C GLU A 104 5.84 -7.34 -27.54
N THR A 105 5.59 -6.51 -26.53
CA THR A 105 4.44 -6.63 -25.65
C THR A 105 3.35 -5.57 -25.91
N TYR A 106 3.78 -4.43 -26.47
CA TYR A 106 2.98 -3.25 -26.75
C TYR A 106 2.67 -2.48 -25.47
N ASN A 107 3.37 -2.88 -24.40
CA ASN A 107 3.20 -2.31 -23.07
C ASN A 107 4.38 -1.43 -22.71
N MET A 108 4.11 -0.48 -21.83
CA MET A 108 5.13 0.40 -21.31
C MET A 108 6.45 -0.34 -21.08
N ASP A 109 7.51 0.27 -21.64
CA ASP A 109 8.86 -0.23 -21.52
C ASP A 109 9.37 0.09 -20.13
N SER A 110 9.62 -0.96 -19.33
CA SER A 110 9.93 -0.79 -17.92
C SER A 110 11.25 -0.04 -17.69
N GLU A 111 12.24 -0.31 -18.54
CA GLU A 111 13.50 0.42 -18.46
C GLU A 111 13.32 1.89 -18.81
N LEU A 112 12.59 2.20 -19.87
CA LEU A 112 12.38 3.60 -20.22
C LEU A 112 11.54 4.27 -19.13
N LEU A 113 10.73 3.48 -18.43
CA LEU A 113 9.93 4.01 -17.33
C LEU A 113 10.85 4.45 -16.20
N GLU A 114 11.74 3.54 -15.81
CA GLU A 114 12.68 3.85 -14.73
C GLU A 114 13.52 5.08 -15.09
N SER A 115 14.09 5.18 -16.29
CA SER A 115 14.93 6.33 -16.57
C SER A 115 14.09 7.62 -16.64
N CYS A 116 12.82 7.53 -17.06
CA CYS A 116 11.94 8.69 -17.03
C CYS A 116 11.77 9.22 -15.60
N ILE A 117 11.66 8.33 -14.62
CA ILE A 117 11.53 8.76 -13.22
C ILE A 117 12.87 9.34 -12.77
N GLN A 118 13.97 8.68 -13.12
CA GLN A 118 15.28 9.11 -12.63
C GLN A 118 15.61 10.52 -13.12
N SER A 119 15.24 10.87 -14.36
CA SER A 119 15.56 12.18 -14.90
C SER A 119 14.43 13.20 -14.72
N TRP A 120 13.38 12.86 -13.95
CA TRP A 120 12.25 13.76 -13.80
C TRP A 120 12.72 15.03 -13.14
N SER A 121 12.37 16.20 -13.69
CA SER A 121 12.90 17.44 -13.14
C SER A 121 11.78 18.45 -12.85
N GLY A 122 10.54 17.96 -12.71
CA GLY A 122 9.42 18.81 -12.32
C GLY A 122 8.97 19.65 -13.50
N PRO A 123 8.29 20.80 -13.31
CA PRO A 123 7.99 21.35 -11.98
C PRO A 123 6.94 20.60 -11.14
N GLU A 124 6.07 19.83 -11.79
CA GLU A 124 5.02 19.09 -11.10
C GLU A 124 5.62 17.98 -10.26
N LYS A 125 4.82 17.52 -9.31
CA LYS A 125 5.19 16.39 -8.48
C LYS A 125 4.73 15.12 -9.17
N LEU A 126 5.67 14.20 -9.40
CA LEU A 126 5.33 12.91 -9.97
C LEU A 126 4.63 12.10 -8.88
N LYS A 127 3.37 11.70 -9.13
CA LYS A 127 2.54 11.05 -8.12
C LYS A 127 2.20 9.60 -8.49
N ALA A 128 2.16 9.25 -9.79
CA ALA A 128 1.70 7.93 -10.16
C ALA A 128 2.21 7.46 -11.51
N ILE A 129 2.17 6.14 -11.66
CA ILE A 129 2.40 5.45 -12.93
C ILE A 129 1.08 4.78 -13.34
N MET A 130 0.65 5.01 -14.59
CA MET A 130 -0.59 4.46 -15.13
C MET A 130 -0.23 3.61 -16.37
N PRO A 131 0.36 2.41 -16.21
CA PRO A 131 0.64 1.56 -17.37
C PRO A 131 -0.65 0.95 -17.87
N VAL A 132 -0.65 0.57 -19.15
CA VAL A 132 -1.76 -0.12 -19.78
C VAL A 132 -1.34 -1.56 -19.97
N LEU A 133 -2.23 -2.50 -19.59
CA LEU A 133 -2.08 -3.88 -19.95
C LEU A 133 -2.81 -4.06 -21.27
N GLU A 134 -2.09 -3.69 -22.35
CA GLU A 134 -2.71 -3.41 -23.64
C GLU A 134 -3.19 -4.70 -24.29
N PHE A 135 -4.45 -4.71 -24.73
CA PHE A 135 -5.04 -5.85 -25.44
C PHE A 135 -5.15 -7.11 -24.58
N GLY A 136 -4.95 -6.98 -23.26
CA GLY A 136 -5.04 -8.11 -22.37
C GLY A 136 -3.70 -8.70 -21.95
N ASN A 137 -2.63 -7.97 -22.27
CA ASN A 137 -1.29 -8.47 -22.02
C ASN A 137 -0.82 -8.06 -20.62
N PRO A 138 -0.61 -9.03 -19.71
CA PRO A 138 -0.14 -8.72 -18.36
C PRO A 138 1.34 -8.38 -18.25
N HIS A 139 2.13 -8.63 -19.30
CA HIS A 139 3.58 -8.57 -19.19
C HIS A 139 4.11 -7.21 -18.77
N GLY A 140 4.97 -7.20 -17.73
CA GLY A 140 5.49 -5.97 -17.16
C GLY A 140 4.85 -5.56 -15.84
N LEU A 141 3.70 -6.15 -15.49
CA LEU A 141 2.92 -5.63 -14.35
C LEU A 141 3.72 -5.68 -13.04
N LYS A 142 4.39 -6.80 -12.76
CA LYS A 142 5.13 -6.88 -11.51
C LYS A 142 6.27 -5.86 -11.49
N LYS A 143 6.89 -5.65 -12.65
CA LYS A 143 7.95 -4.65 -12.77
C LYS A 143 7.40 -3.24 -12.49
N TYR A 144 6.19 -2.92 -12.98
CA TYR A 144 5.58 -1.62 -12.69
C TYR A 144 5.39 -1.45 -11.18
N ARG A 145 4.98 -2.52 -10.49
CA ARG A 145 4.75 -2.47 -9.04
C ARG A 145 6.08 -2.19 -8.34
N GLU A 146 7.09 -2.99 -8.70
CA GLU A 146 8.44 -2.84 -8.18
C GLU A 146 8.94 -1.41 -8.35
N ILE A 147 8.81 -0.86 -9.57
CA ILE A 147 9.33 0.46 -9.87
C ILE A 147 8.53 1.51 -9.11
N ALA A 148 7.20 1.40 -9.12
CA ALA A 148 6.36 2.32 -8.36
C ALA A 148 6.79 2.39 -6.90
N ASN A 149 6.98 1.22 -6.27
CA ASN A 149 7.32 1.16 -4.86
C ASN A 149 8.69 1.77 -4.59
N LYS A 150 9.65 1.48 -5.44
CA LYS A 150 11.00 2.03 -5.36
C LYS A 150 11.02 3.56 -5.30
N TYR A 151 10.08 4.22 -5.99
CA TYR A 151 10.11 5.67 -6.11
C TYR A 151 8.91 6.27 -5.38
N ASN A 152 8.27 5.47 -4.52
CA ASN A 152 7.18 5.94 -3.67
CA ASN A 152 7.22 5.98 -3.66
C ASN A 152 6.08 6.58 -4.51
N LEU A 153 5.69 5.87 -5.60
CA LEU A 153 4.63 6.34 -6.48
C LEU A 153 3.42 5.40 -6.41
N ALA A 154 2.22 5.94 -6.63
CA ALA A 154 1.04 5.09 -6.79
C ALA A 154 1.11 4.41 -8.14
N LEU A 155 0.58 3.17 -8.20
CA LEU A 155 0.38 2.44 -9.44
C LEU A 155 -1.12 2.35 -9.72
N ILE A 156 -1.56 2.84 -10.90
CA ILE A 156 -2.95 2.71 -11.33
C ILE A 156 -2.93 1.88 -12.59
N GLU A 157 -3.40 0.63 -12.50
CA GLU A 157 -3.44 -0.22 -13.67
C GLU A 157 -4.57 0.19 -14.61
N ASP A 158 -4.24 0.58 -15.85
CA ASP A 158 -5.29 0.76 -16.85
C ASP A 158 -5.47 -0.59 -17.51
N ALA A 159 -6.30 -1.40 -16.87
CA ALA A 159 -6.61 -2.74 -17.31
C ALA A 159 -7.92 -2.73 -18.11
N ALA A 160 -8.20 -1.62 -18.81
CA ALA A 160 -9.40 -1.52 -19.63
C ALA A 160 -9.69 -2.80 -20.41
N CYS A 161 -8.65 -3.30 -21.11
CA CYS A 161 -8.77 -4.44 -21.99
C CYS A 161 -8.47 -5.78 -21.31
N ALA A 162 -8.24 -5.83 -19.99
CA ALA A 162 -7.53 -6.97 -19.43
C ALA A 162 -8.28 -7.66 -18.29
N LEU A 163 -9.62 -7.52 -18.20
CA LEU A 163 -10.35 -8.29 -17.19
C LEU A 163 -10.16 -9.78 -17.51
N GLY A 164 -9.68 -10.55 -16.50
CA GLY A 164 -9.47 -11.97 -16.70
C GLY A 164 -8.07 -12.31 -17.20
N ALA A 165 -7.24 -11.28 -17.42
CA ALA A 165 -5.82 -11.46 -17.66
C ALA A 165 -5.14 -11.71 -16.33
N LYS A 166 -4.06 -12.49 -16.40
CA LYS A 166 -3.39 -12.94 -15.20
C LYS A 166 -1.87 -12.79 -15.39
N GLU A 167 -1.23 -12.19 -14.40
CA GLU A 167 0.21 -12.04 -14.34
C GLU A 167 0.77 -13.11 -13.39
N GLN A 168 1.13 -14.28 -13.93
CA GLN A 168 1.58 -15.44 -13.18
C GLN A 168 0.45 -15.92 -12.28
N ASP A 169 0.61 -15.71 -10.98
CA ASP A 169 -0.30 -16.19 -9.95
C ASP A 169 -1.35 -15.12 -9.62
N VAL A 170 -1.21 -13.91 -10.15
CA VAL A 170 -1.97 -12.77 -9.65
C VAL A 170 -2.81 -12.15 -10.78
N MET A 171 -4.12 -11.91 -10.55
CA MET A 171 -5.00 -11.36 -11.58
C MET A 171 -4.67 -9.89 -11.89
N VAL A 172 -4.65 -9.56 -13.19
CA VAL A 172 -4.46 -8.19 -13.62
C VAL A 172 -5.54 -7.33 -12.99
N GLY A 173 -5.13 -6.18 -12.47
CA GLY A 173 -6.02 -5.22 -11.83
C GLY A 173 -5.85 -5.14 -10.31
N THR A 174 -5.19 -6.15 -9.73
CA THR A 174 -5.13 -6.36 -8.29
C THR A 174 -3.73 -6.05 -7.73
N VAL A 175 -2.79 -5.67 -8.61
CA VAL A 175 -1.42 -5.31 -8.20
C VAL A 175 -1.26 -3.80 -7.98
N GLY A 176 -1.93 -2.98 -8.80
CA GLY A 176 -1.90 -1.54 -8.57
C GLY A 176 -2.56 -1.19 -7.24
N ASP A 177 -2.27 0.00 -6.74
CA ASP A 177 -3.02 0.63 -5.70
C ASP A 177 -4.50 0.51 -6.04
N MET A 178 -4.83 0.81 -7.31
CA MET A 178 -6.15 0.50 -7.85
C MET A 178 -6.00 -0.02 -9.26
N GLY A 179 -7.03 -0.74 -9.72
CA GLY A 179 -7.07 -1.27 -11.07
C GLY A 179 -8.39 -0.87 -11.73
N CYS A 180 -8.37 -0.65 -13.05
CA CYS A 180 -9.52 -0.12 -13.78
C CYS A 180 -9.81 -0.99 -14.97
N PHE A 181 -11.10 -1.34 -15.17
CA PHE A 181 -11.53 -2.16 -16.29
C PHE A 181 -12.57 -1.40 -17.10
N SER A 182 -12.65 -1.69 -18.42
CA SER A 182 -13.71 -1.22 -19.31
C SER A 182 -14.61 -2.39 -19.69
N PHE A 183 -15.92 -2.10 -19.81
CA PHE A 183 -16.89 -3.04 -20.33
C PHE A 183 -17.50 -2.48 -21.62
N HIS A 184 -16.73 -1.65 -22.34
CA HIS A 184 -17.05 -1.14 -23.68
C HIS A 184 -17.31 -2.30 -24.63
N PRO A 185 -18.10 -2.14 -25.72
CA PRO A 185 -18.48 -3.27 -26.58
C PRO A 185 -17.38 -4.09 -27.22
N ARG A 186 -16.18 -3.53 -27.37
CA ARG A 186 -15.07 -4.23 -28.03
C ARG A 186 -14.24 -5.05 -27.02
N1 LLP A 187 -7.96 2.65 -21.55
C2 LLP A 187 -7.78 1.78 -22.55
C2' LLP A 187 -6.43 1.16 -22.68
C3 LLP A 187 -8.84 1.39 -23.41
O3 LLP A 187 -8.73 0.51 -24.42
C4 LLP A 187 -10.12 1.97 -23.26
C4' LLP A 187 -11.26 1.54 -24.16
C5 LLP A 187 -10.27 2.91 -22.22
C6 LLP A 187 -9.19 3.20 -21.42
C5' LLP A 187 -11.54 3.65 -21.94
OP4 LLP A 187 -12.66 2.84 -21.51
P LLP A 187 -14.19 3.19 -21.88
OP1 LLP A 187 -14.85 2.04 -21.16
OP2 LLP A 187 -14.42 4.57 -21.36
OP3 LLP A 187 -14.29 3.11 -23.39
N LLP A 187 -14.55 -4.86 -25.72
CA LLP A 187 -13.84 -5.48 -24.62
CB LLP A 187 -13.64 -4.40 -23.53
CG LLP A 187 -12.37 -3.50 -23.62
CD LLP A 187 -12.33 -2.20 -24.46
CE LLP A 187 -11.21 -1.07 -24.12
NZ LLP A 187 -11.56 0.28 -24.67
C LLP A 187 -14.64 -6.80 -24.45
O LLP A 187 -15.69 -6.97 -25.06
N THR A 188 -14.15 -7.81 -23.77
CA THR A 188 -14.69 -9.16 -23.98
C THR A 188 -16.00 -9.35 -23.20
N LEU A 189 -16.00 -8.96 -21.92
CA LEU A 189 -17.19 -8.68 -21.16
C LEU A 189 -17.61 -7.24 -21.45
N THR A 190 -18.82 -7.06 -22.03
CA THR A 190 -19.37 -5.73 -22.24
C THR A 190 -20.68 -5.56 -21.47
N THR A 191 -20.97 -4.30 -21.06
CA THR A 191 -22.30 -3.91 -20.57
C THR A 191 -22.85 -2.74 -21.39
N GLY A 192 -22.43 -2.73 -22.65
CA GLY A 192 -22.68 -1.63 -23.58
C GLY A 192 -21.66 -0.52 -23.38
N GLU A 193 -21.87 0.20 -22.28
CA GLU A 193 -20.86 0.97 -21.60
C GLU A 193 -20.84 0.53 -20.14
N GLY A 194 -19.66 0.54 -19.53
CA GLY A 194 -19.49 0.09 -18.16
C GLY A 194 -18.02 0.01 -17.83
N GLY A 195 -17.70 -0.07 -16.54
CA GLY A 195 -16.33 -0.17 -16.06
C GLY A 195 -16.30 -0.67 -14.63
N ALA A 196 -15.11 -0.90 -14.08
CA ALA A 196 -14.98 -1.27 -12.67
C ALA A 196 -13.64 -0.74 -12.20
N LEU A 197 -13.71 -0.22 -10.97
CA LEU A 197 -12.55 0.21 -10.22
C LEU A 197 -12.39 -0.74 -9.05
N VAL A 198 -11.17 -1.30 -8.90
CA VAL A 198 -10.87 -2.25 -7.83
C VAL A 198 -9.64 -1.82 -7.04
N THR A 199 -9.57 -2.34 -5.80
CA THR A 199 -8.51 -1.99 -4.87
C THR A 199 -8.58 -2.91 -3.65
N ASN A 200 -7.39 -3.16 -3.07
CA ASN A 200 -7.27 -3.79 -1.78
C ASN A 200 -7.19 -2.76 -0.67
N ASN A 201 -7.29 -1.45 -0.99
CA ASN A 201 -7.16 -0.41 0.00
C ASN A 201 -8.52 0.17 0.37
N ASP A 202 -8.85 0.16 1.67
CA ASP A 202 -10.16 0.55 2.15
C ASP A 202 -10.43 2.04 1.90
N GLN A 203 -9.47 2.91 2.17
CA GLN A 203 -9.69 4.35 2.09
C GLN A 203 -9.92 4.77 0.63
N LEU A 204 -9.24 4.09 -0.30
CA LEU A 204 -9.30 4.41 -1.71
C LEU A 204 -10.67 3.98 -2.23
N TYR A 205 -11.07 2.78 -1.83
CA TYR A 205 -12.39 2.28 -2.09
C TYR A 205 -13.47 3.21 -1.55
N GLU A 206 -13.37 3.61 -0.28
CA GLU A 206 -14.44 4.40 0.35
C GLU A 206 -14.53 5.76 -0.34
N LYS A 207 -13.37 6.34 -0.68
CA LYS A 207 -13.35 7.66 -1.26
C LYS A 207 -13.91 7.62 -2.69
N ALA A 208 -13.51 6.63 -3.50
CA ALA A 208 -14.01 6.49 -4.85
C ALA A 208 -15.52 6.25 -4.85
N LYS A 209 -16.00 5.52 -3.83
CA LYS A 209 -17.41 5.20 -3.70
C LYS A 209 -18.21 6.46 -3.42
N LEU A 210 -17.69 7.35 -2.58
CA LEU A 210 -18.29 8.68 -2.38
C LEU A 210 -18.33 9.48 -3.69
N LEU A 211 -17.21 9.56 -4.40
CA LEU A 211 -17.07 10.31 -5.65
C LEU A 211 -17.98 9.79 -6.76
N ARG A 212 -18.25 8.47 -6.78
CA ARG A 212 -19.10 7.84 -7.78
C ARG A 212 -20.55 8.32 -7.70
N SER A 213 -21.02 8.77 -6.52
CA SER A 213 -22.42 9.11 -6.40
C SER A 213 -22.66 10.27 -5.44
N HIS A 214 -22.13 11.46 -5.77
CA HIS A 214 -22.57 12.69 -5.12
C HIS A 214 -22.23 12.73 -3.63
N GLY A 215 -21.17 12.02 -3.22
CA GLY A 215 -20.74 12.03 -1.83
C GLY A 215 -21.70 11.31 -0.88
N MET A 216 -22.49 10.36 -1.40
CA MET A 216 -23.57 9.79 -0.63
C MET A 216 -23.06 8.61 0.18
N MET A 217 -23.57 8.47 1.40
CA MET A 217 -23.33 7.26 2.16
C MET A 217 -24.49 7.01 3.12
N ARG A 218 -24.61 5.74 3.55
CA ARG A 218 -25.64 5.34 4.50
C ARG A 218 -25.23 5.81 5.90
N GLY A 219 -26.06 6.68 6.49
CA GLY A 219 -25.90 7.09 7.88
C GLY A 219 -27.04 6.54 8.76
N GLU A 220 -27.00 6.99 10.03
CA GLU A 220 -27.90 6.53 11.07
C GLU A 220 -29.36 6.70 10.65
N PHE A 221 -29.69 7.86 10.06
CA PHE A 221 -31.05 8.17 9.64
C PHE A 221 -31.11 8.29 8.12
N GLY A 222 -30.43 7.36 7.43
CA GLY A 222 -30.46 7.31 5.98
C GLY A 222 -29.23 7.96 5.33
N ILE A 223 -29.41 8.39 4.08
CA ILE A 223 -28.31 8.78 3.22
C ILE A 223 -27.80 10.13 3.71
N GLU A 224 -26.48 10.22 3.92
CA GLU A 224 -25.81 11.47 4.23
C GLU A 224 -24.87 11.89 3.09
N PHE A 225 -24.71 13.21 2.95
CA PHE A 225 -23.89 13.78 1.90
C PHE A 225 -22.56 14.23 2.48
N ARG A 226 -21.56 13.36 2.39
CA ARG A 226 -20.33 13.57 3.12
C ARG A 226 -19.32 14.46 2.39
N CYS A 227 -19.33 14.46 1.06
CA CYS A 227 -18.38 15.28 0.32
C CYS A 227 -18.99 15.59 -1.04
N ILE A 228 -18.28 16.42 -1.79
N ILE A 228 -18.31 16.44 -1.80
CA ILE A 228 -18.62 16.70 -3.15
CA ILE A 228 -18.72 16.70 -3.17
C ILE A 228 -18.28 15.48 -4.01
C ILE A 228 -18.31 15.49 -4.00
N GLY A 229 -19.15 15.17 -4.98
CA GLY A 229 -18.88 14.07 -5.91
C GLY A 229 -19.52 14.29 -7.27
N LEU A 230 -19.48 13.21 -8.06
CA LEU A 230 -19.95 13.13 -9.44
C LEU A 230 -21.09 12.14 -9.50
N ASN A 231 -21.55 11.84 -10.73
CA ASN A 231 -22.39 10.68 -10.96
C ASN A 231 -21.72 9.78 -11.98
N TYR A 232 -21.20 8.64 -11.53
CA TYR A 232 -20.65 7.64 -12.41
C TYR A 232 -21.26 6.28 -12.11
N ARG A 233 -22.53 6.27 -11.74
CA ARG A 233 -23.22 5.04 -11.42
C ARG A 233 -23.52 4.25 -12.69
N LEU A 234 -23.53 2.92 -12.55
CA LEU A 234 -23.95 2.02 -13.62
C LEU A 234 -25.39 1.61 -13.34
N THR A 235 -26.23 1.43 -14.37
CA THR A 235 -27.58 0.93 -14.15
C THR A 235 -27.54 -0.52 -13.67
N ASN A 236 -28.57 -0.85 -12.91
CA ASN A 236 -28.88 -2.19 -12.49
C ASN A 236 -28.95 -3.17 -13.65
N PHE A 237 -29.58 -2.79 -14.77
CA PHE A 237 -29.74 -3.71 -15.88
C PHE A 237 -28.45 -3.90 -16.66
N GLN A 238 -27.57 -2.89 -16.69
CA GLN A 238 -26.21 -3.07 -17.23
C GLN A 238 -25.41 -4.01 -16.33
N ALA A 239 -25.57 -3.88 -15.01
CA ALA A 239 -24.90 -4.78 -14.09
C ALA A 239 -25.30 -6.23 -14.34
N ALA A 240 -26.59 -6.46 -14.65
CA ALA A 240 -27.08 -7.82 -14.85
C ALA A 240 -26.40 -8.48 -16.04
N ILE A 241 -26.22 -7.71 -17.12
CA ILE A 241 -25.54 -8.19 -18.30
C ILE A 241 -24.17 -8.67 -17.87
N GLY A 242 -23.46 -7.82 -17.14
CA GLY A 242 -22.12 -8.14 -16.70
C GLY A 242 -22.09 -9.43 -15.88
N ARG A 243 -23.04 -9.57 -14.96
CA ARG A 243 -23.06 -10.71 -14.05
C ARG A 243 -23.24 -12.02 -14.81
N ALA A 244 -23.98 -11.99 -15.93
CA ALA A 244 -24.24 -13.18 -16.73
C ALA A 244 -23.03 -13.61 -17.56
N ILE A 245 -22.16 -12.65 -17.92
CA ILE A 245 -20.98 -12.93 -18.73
C ILE A 245 -19.80 -13.36 -17.86
N LEU A 246 -19.68 -12.82 -16.64
CA LEU A 246 -18.46 -13.01 -15.88
C LEU A 246 -18.17 -14.53 -15.71
N PRO A 247 -19.14 -15.39 -15.34
CA PRO A 247 -18.86 -16.81 -15.13
C PRO A 247 -18.44 -17.54 -16.40
N LYS A 248 -18.74 -16.96 -17.58
CA LYS A 248 -18.28 -17.52 -18.84
C LYS A 248 -16.92 -16.97 -19.31
N LEU A 249 -16.38 -15.97 -18.62
CA LEU A 249 -15.30 -15.14 -19.14
C LEU A 249 -14.01 -15.95 -19.29
N ASN A 250 -13.61 -16.66 -18.25
CA ASN A 250 -12.42 -17.50 -18.32
CA ASN A 250 -12.39 -17.44 -18.37
C ASN A 250 -12.49 -18.38 -19.57
N GLY A 251 -13.65 -19.01 -19.80
CA GLY A 251 -13.80 -19.92 -20.93
C GLY A 251 -13.72 -19.22 -22.29
N TRP A 252 -14.32 -18.04 -22.36
CA TRP A 252 -14.15 -17.20 -23.53
C TRP A 252 -12.67 -16.90 -23.75
N ILE A 253 -11.91 -16.61 -22.70
CA ILE A 253 -10.51 -16.27 -22.89
C ILE A 253 -9.71 -17.47 -23.42
N GLU A 254 -9.98 -18.66 -22.85
CA GLU A 254 -9.36 -19.89 -23.32
C GLU A 254 -9.60 -20.05 -24.81
N ARG A 255 -10.84 -19.84 -25.25
CA ARG A 255 -11.13 -20.00 -26.65
C ARG A 255 -10.36 -18.96 -27.47
N ARG A 256 -10.32 -17.69 -27.04
CA ARG A 256 -9.57 -16.67 -27.77
C ARG A 256 -8.11 -17.06 -27.91
N ARG A 257 -7.54 -17.72 -26.88
CA ARG A 257 -6.14 -18.14 -26.93
C ARG A 257 -5.98 -19.23 -27.97
N GLU A 258 -7.04 -20.00 -28.19
CA GLU A 258 -7.05 -21.03 -29.21
C GLU A 258 -7.09 -20.38 -30.60
N LEU A 259 -7.96 -19.38 -30.80
CA LEU A 259 -7.89 -18.62 -32.05
C LEU A 259 -6.50 -18.02 -32.26
N ALA A 260 -5.85 -17.52 -31.20
CA ALA A 260 -4.52 -16.94 -31.38
C ALA A 260 -3.55 -17.99 -31.93
N THR A 261 -3.62 -19.21 -31.39
CA THR A 261 -2.83 -20.34 -31.84
C THR A 261 -3.01 -20.60 -33.32
N ILE A 262 -4.25 -20.49 -33.78
CA ILE A 262 -4.55 -20.74 -35.17
C ILE A 262 -3.93 -19.63 -36.03
N TYR A 263 -3.97 -18.38 -35.52
CA TYR A 263 -3.35 -17.27 -36.22
C TYR A 263 -1.84 -17.52 -36.29
N GLU A 264 -1.22 -17.81 -35.15
CA GLU A 264 0.21 -18.09 -35.09
C GLU A 264 0.60 -19.19 -36.09
N ASP A 265 -0.17 -20.27 -36.13
CA ASP A 265 0.06 -21.37 -37.06
C ASP A 265 0.17 -20.81 -38.48
N ALA A 266 -0.93 -20.24 -38.97
CA ALA A 266 -1.04 -19.77 -40.34
C ALA A 266 -0.01 -18.69 -40.70
N LEU A 267 0.39 -17.81 -39.76
CA LEU A 267 1.08 -16.56 -40.10
C LEU A 267 2.59 -16.60 -39.80
N ALA A 268 3.07 -17.63 -39.11
CA ALA A 268 4.48 -17.71 -38.69
C ALA A 268 5.43 -17.64 -39.89
N PRO A 269 5.13 -18.27 -41.06
CA PRO A 269 6.00 -18.12 -42.23
C PRO A 269 6.15 -16.64 -42.63
N LEU A 270 5.02 -15.91 -42.73
CA LEU A 270 5.04 -14.49 -43.05
C LEU A 270 5.90 -13.75 -42.04
N GLU A 271 5.81 -14.14 -40.75
CA GLU A 271 6.62 -13.49 -39.71
C GLU A 271 8.08 -13.78 -40.01
N GLN A 272 8.37 -15.06 -40.31
CA GLN A 272 9.73 -15.51 -40.54
C GLN A 272 10.32 -14.83 -41.78
N GLN A 273 9.48 -14.57 -42.80
CA GLN A 273 9.91 -13.85 -43.98
C GLN A 273 10.04 -12.34 -43.73
N GLY A 274 9.87 -11.87 -42.48
CA GLY A 274 10.06 -10.47 -42.14
C GLY A 274 8.95 -9.55 -42.63
N LEU A 275 7.79 -10.11 -43.00
CA LEU A 275 6.69 -9.33 -43.57
C LEU A 275 5.73 -8.79 -42.49
N ILE A 276 5.64 -9.46 -41.35
CA ILE A 276 4.83 -8.97 -40.26
C ILE A 276 5.53 -9.41 -39.00
N ARG A 277 5.12 -8.81 -37.88
CA ARG A 277 5.48 -9.29 -36.55
C ARG A 277 4.18 -9.69 -35.83
N LEU A 278 4.20 -10.88 -35.21
CA LEU A 278 3.05 -11.39 -34.49
C LEU A 278 3.12 -10.95 -33.03
N PRO A 279 1.98 -10.79 -32.32
CA PRO A 279 2.01 -10.58 -30.88
C PRO A 279 2.47 -11.84 -30.14
N LYS A 280 3.17 -11.63 -29.02
CA LYS A 280 3.54 -12.73 -28.14
C LYS A 280 2.42 -12.90 -27.13
N ILE A 281 1.69 -14.00 -27.25
CA ILE A 281 0.59 -14.31 -26.37
C ILE A 281 1.11 -15.10 -25.17
N VAL A 282 1.74 -14.40 -24.24
CA VAL A 282 2.26 -15.02 -23.03
C VAL A 282 1.15 -15.69 -22.24
N GLU A 283 1.59 -16.42 -21.22
CA GLU A 283 0.67 -17.02 -20.27
C GLU A 283 -0.11 -15.90 -19.57
N GLY A 284 -1.43 -16.02 -19.59
CA GLY A 284 -2.28 -15.09 -18.85
C GLY A 284 -2.75 -13.91 -19.70
N HIS A 285 -2.30 -13.85 -20.96
CA HIS A 285 -2.79 -12.87 -21.92
C HIS A 285 -4.22 -13.21 -22.25
N SER A 286 -5.15 -12.22 -22.14
CA SER A 286 -6.58 -12.49 -22.28
C SER A 286 -7.05 -12.32 -23.72
N VAL A 287 -6.15 -11.85 -24.59
CA VAL A 287 -6.35 -11.73 -26.02
C VAL A 287 -7.61 -10.92 -26.33
N GLN A 288 -7.71 -9.73 -25.74
CA GLN A 288 -8.86 -8.87 -26.04
C GLN A 288 -8.77 -8.41 -27.50
N THR A 289 -7.52 -8.22 -27.96
CA THR A 289 -7.17 -7.83 -29.34
C THR A 289 -5.97 -8.66 -29.82
N TYR A 290 -6.02 -9.08 -31.09
CA TYR A 290 -4.93 -9.75 -31.74
C TYR A 290 -4.35 -8.77 -32.76
N MET A 291 -3.26 -8.08 -32.36
CA MET A 291 -2.66 -7.05 -33.19
C MET A 291 -1.30 -7.52 -33.70
N ILE A 292 -1.19 -7.56 -35.03
CA ILE A 292 0.09 -7.77 -35.70
C ILE A 292 0.66 -6.40 -36.07
N VAL A 293 1.95 -6.37 -36.46
CA VAL A 293 2.62 -5.18 -36.96
C VAL A 293 3.05 -5.43 -38.41
N LEU A 294 2.53 -4.67 -39.36
CA LEU A 294 2.99 -4.74 -40.75
C LEU A 294 4.41 -4.16 -40.85
N SER A 295 5.28 -4.79 -41.67
CA SER A 295 6.53 -4.16 -42.09
C SER A 295 6.26 -2.84 -42.81
N ASP A 296 7.25 -1.95 -42.80
CA ASP A 296 7.15 -0.59 -43.34
C ASP A 296 6.73 -0.54 -44.79
N GLN A 297 7.08 -1.59 -45.53
CA GLN A 297 6.74 -1.84 -46.93
C GLN A 297 5.25 -1.70 -47.20
N PHE A 298 4.43 -2.00 -46.19
CA PHE A 298 3.00 -2.10 -46.38
C PHE A 298 2.29 -0.86 -45.82
N ASN A 299 1.35 -0.38 -46.62
CA ASN A 299 0.48 0.73 -46.27
C ASN A 299 -0.77 0.17 -45.61
N ARG A 300 -0.94 0.43 -44.32
CA ARG A 300 -1.97 -0.28 -43.58
C ARG A 300 -3.34 0.05 -44.16
N THR A 301 -3.54 1.31 -44.59
CA THR A 301 -4.84 1.71 -45.12
C THR A 301 -5.23 0.87 -46.35
N GLU A 302 -4.25 0.53 -47.20
CA GLU A 302 -4.47 -0.27 -48.40
C GLU A 302 -4.76 -1.73 -48.05
N VAL A 303 -3.96 -2.29 -47.13
CA VAL A 303 -4.19 -3.65 -46.63
C VAL A 303 -5.62 -3.76 -46.10
N MET A 304 -6.07 -2.75 -45.33
CA MET A 304 -7.39 -2.80 -44.71
C MET A 304 -8.48 -2.80 -45.78
N LYS A 305 -8.32 -1.94 -46.79
CA LYS A 305 -9.25 -1.86 -47.91
C LYS A 305 -9.32 -3.22 -48.62
N ALA A 306 -8.17 -3.86 -48.83
CA ALA A 306 -8.12 -5.13 -49.56
C ALA A 306 -8.81 -6.21 -48.73
N LEU A 307 -8.52 -6.25 -47.43
CA LEU A 307 -9.18 -7.16 -46.51
C LEU A 307 -10.70 -6.97 -46.54
N LYS A 308 -11.13 -5.71 -46.57
CA LYS A 308 -12.54 -5.36 -46.60
C LYS A 308 -13.16 -5.89 -47.91
N GLU A 309 -12.52 -5.66 -49.05
CA GLU A 309 -13.01 -6.23 -50.30
C GLU A 309 -13.12 -7.75 -50.22
N GLY A 310 -12.24 -8.41 -49.46
CA GLY A 310 -12.30 -9.86 -49.30
C GLY A 310 -13.15 -10.27 -48.12
N GLY A 311 -13.90 -9.32 -47.54
CA GLY A 311 -14.97 -9.62 -46.60
C GLY A 311 -14.47 -9.78 -45.17
N ILE A 312 -13.38 -9.09 -44.84
CA ILE A 312 -12.72 -9.18 -43.54
C ILE A 312 -12.56 -7.78 -42.97
N GLU A 313 -13.11 -7.53 -41.78
CA GLU A 313 -12.89 -6.28 -41.07
C GLU A 313 -11.52 -6.27 -40.43
N SER A 314 -10.97 -5.05 -40.27
CA SER A 314 -9.75 -4.88 -39.51
C SER A 314 -9.62 -3.40 -39.14
N SER A 315 -8.63 -3.06 -38.32
CA SER A 315 -8.47 -1.70 -37.85
C SER A 315 -7.11 -1.53 -37.19
N LEU A 316 -6.77 -0.27 -36.90
CA LEU A 316 -5.62 0.03 -36.09
C LEU A 316 -5.84 -0.53 -34.67
N GLY A 317 -4.76 -0.75 -33.95
CA GLY A 317 -4.84 -1.32 -32.62
C GLY A 317 -5.09 -0.26 -31.55
N ALA A 318 -4.26 0.78 -31.55
CA ALA A 318 -4.44 1.93 -30.67
C ALA A 318 -3.69 3.12 -31.26
N GLN A 319 -3.65 4.19 -30.47
CA GLN A 319 -3.05 5.46 -30.85
C GLN A 319 -1.70 5.67 -30.22
N SER A 320 -0.92 6.59 -30.82
CA SER A 320 0.26 7.16 -30.20
C SER A 320 -0.08 8.47 -29.50
N MET A 321 0.15 8.56 -28.18
CA MET A 321 -0.23 9.73 -27.43
C MET A 321 0.67 10.92 -27.86
N SER A 322 1.95 10.64 -28.15
CA SER A 322 2.85 11.69 -28.61
C SER A 322 2.37 12.23 -29.97
N GLU A 323 1.96 11.34 -30.87
CA GLU A 323 1.51 11.78 -32.18
C GLU A 323 0.24 12.63 -32.09
N LEU A 324 -0.60 12.45 -31.05
CA LEU A 324 -1.83 13.24 -30.99
C LEU A 324 -1.55 14.73 -30.76
N LYS A 325 -0.38 15.05 -30.20
CA LYS A 325 -0.01 16.43 -29.99
C LYS A 325 -0.97 17.13 -29.04
N LEU A 326 -1.45 16.43 -28.01
CA LEU A 326 -2.37 17.00 -27.04
C LEU A 326 -1.71 17.13 -25.66
N PHE A 327 -0.65 16.34 -25.40
CA PHE A 327 -0.03 16.28 -24.09
C PHE A 327 1.32 17.00 -24.12
N ASN A 328 1.27 18.28 -23.81
CA ASN A 328 2.34 19.18 -24.19
C ASN A 328 3.37 19.47 -23.10
N HIS A 329 3.40 18.69 -22.04
CA HIS A 329 4.50 18.85 -21.11
C HIS A 329 5.84 18.84 -21.87
N ASP A 330 6.77 19.67 -21.38
CA ASP A 330 8.12 19.74 -21.90
C ASP A 330 8.73 18.35 -22.05
N SER A 331 8.51 17.50 -21.05
CA SER A 331 9.08 16.17 -21.02
C SER A 331 8.68 15.36 -22.27
N ASN A 332 7.51 15.62 -22.84
CA ASN A 332 7.04 14.83 -23.96
C ASN A 332 7.55 15.42 -25.30
N THR A 333 7.48 16.75 -25.45
CA THR A 333 7.88 17.41 -26.69
C THR A 333 9.39 17.33 -26.91
N LYS A 334 10.18 17.36 -25.85
N LYS A 334 10.18 17.36 -25.84
CA LYS A 334 11.63 17.32 -25.99
CA LYS A 334 11.62 17.29 -25.97
C LYS A 334 12.08 15.90 -26.35
C LYS A 334 12.08 15.83 -26.00
N SER A 335 11.17 14.92 -26.32
CA SER A 335 11.50 13.50 -26.51
C SER A 335 11.17 13.03 -27.91
N ASN A 336 11.80 11.91 -28.29
CA ASN A 336 11.48 11.19 -29.51
C ASN A 336 10.96 9.80 -29.16
N TYR A 337 9.70 9.51 -29.54
CA TYR A 337 9.14 8.18 -29.38
C TYR A 337 9.40 7.35 -30.64
N ILE A 338 9.73 6.07 -30.43
CA ILE A 338 10.04 5.15 -31.50
C ILE A 338 8.91 4.12 -31.66
N ILE A 339 8.59 3.36 -30.61
CA ILE A 339 7.77 2.18 -30.79
C ILE A 339 6.30 2.56 -30.95
N GLY A 340 5.78 3.42 -30.05
CA GLY A 340 4.36 3.75 -30.13
C GLY A 340 3.96 4.29 -31.50
N PRO A 341 4.69 5.29 -32.03
CA PRO A 341 4.35 5.88 -33.33
C PRO A 341 4.37 4.82 -34.45
N LYS A 342 5.29 3.86 -34.33
CA LYS A 342 5.35 2.75 -35.28
C LYS A 342 4.09 1.89 -35.18
N LEU A 343 3.71 1.50 -33.95
CA LEU A 343 2.53 0.66 -33.78
C LEU A 343 1.29 1.40 -34.20
N TYR A 344 1.30 2.72 -34.02
CA TYR A 344 0.15 3.52 -34.38
C TYR A 344 -0.11 3.45 -35.88
N ILE A 345 0.96 3.34 -36.69
CA ILE A 345 0.89 3.49 -38.14
C ILE A 345 0.77 2.11 -38.79
N TYR A 346 1.41 1.10 -38.18
CA TYR A 346 1.52 -0.21 -38.81
C TYR A 346 0.83 -1.34 -38.03
N GLY A 347 0.32 -1.04 -36.82
CA GLY A 347 -0.35 -2.07 -36.04
C GLY A 347 -1.68 -2.41 -36.72
N LEU A 348 -1.98 -3.70 -36.89
CA LEU A 348 -3.22 -4.12 -37.51
C LEU A 348 -3.93 -5.17 -36.66
N ALA A 349 -5.14 -4.81 -36.18
CA ALA A 349 -5.98 -5.70 -35.41
C ALA A 349 -6.76 -6.58 -36.37
N LEU A 350 -6.70 -7.89 -36.11
CA LEU A 350 -7.42 -8.87 -36.92
C LEU A 350 -8.59 -9.43 -36.12
N PRO A 351 -9.69 -9.86 -36.78
CA PRO A 351 -10.82 -10.44 -36.05
C PRO A 351 -10.42 -11.51 -35.07
N LEU A 352 -10.96 -11.37 -33.85
CA LEU A 352 -10.82 -12.35 -32.80
C LEU A 352 -11.89 -12.13 -31.74
N HIS A 353 -12.89 -13.04 -31.72
CA HIS A 353 -14.01 -12.93 -30.81
C HIS A 353 -14.68 -14.29 -30.66
N GLU A 354 -15.83 -14.27 -29.97
CA GLU A 354 -16.50 -15.46 -29.47
C GLU A 354 -17.19 -16.24 -30.60
N HIS A 355 -17.44 -15.61 -31.76
CA HIS A 355 -18.12 -16.27 -32.86
C HIS A 355 -17.25 -16.36 -34.13
N LEU A 356 -15.93 -16.47 -33.95
CA LEU A 356 -14.95 -16.74 -34.99
C LEU A 356 -14.46 -18.18 -34.85
N ASN A 357 -14.37 -18.88 -35.99
CA ASN A 357 -13.92 -20.26 -35.98
C ASN A 357 -12.69 -20.45 -36.87
N ILE A 358 -12.18 -21.69 -36.90
CA ILE A 358 -10.98 -22.02 -37.64
C ILE A 358 -11.15 -21.65 -39.09
N ASP A 359 -12.31 -21.93 -39.65
CA ASP A 359 -12.51 -21.66 -41.05
C ASP A 359 -12.41 -20.16 -41.32
N ASP A 360 -12.96 -19.30 -40.44
CA ASP A 360 -12.85 -17.86 -40.59
C ASP A 360 -11.36 -17.44 -40.51
N VAL A 361 -10.64 -17.93 -39.52
CA VAL A 361 -9.27 -17.48 -39.38
C VAL A 361 -8.48 -17.87 -40.63
N ASN A 362 -8.78 -19.05 -41.18
CA ASN A 362 -8.12 -19.55 -42.38
C ASN A 362 -8.39 -18.59 -43.52
N LYS A 363 -9.63 -18.17 -43.69
CA LYS A 363 -9.96 -17.22 -44.73
C LYS A 363 -9.21 -15.91 -44.51
N ILE A 364 -9.15 -15.46 -43.26
CA ILE A 364 -8.50 -14.20 -42.96
C ILE A 364 -7.03 -14.34 -43.34
N THR A 365 -6.43 -15.45 -42.93
CA THR A 365 -4.99 -15.58 -43.08
C THR A 365 -4.67 -15.68 -44.58
N GLU A 366 -5.48 -16.40 -45.35
CA GLU A 366 -5.17 -16.58 -46.76
C GLU A 366 -5.29 -15.24 -47.48
N THR A 367 -6.28 -14.44 -47.09
CA THR A 367 -6.51 -13.16 -47.73
C THR A 367 -5.32 -12.25 -47.42
N LEU A 368 -4.88 -12.23 -46.17
CA LEU A 368 -3.76 -11.38 -45.76
C LEU A 368 -2.49 -11.78 -46.51
N GLU A 369 -2.22 -13.09 -46.57
CA GLU A 369 -1.09 -13.63 -47.30
C GLU A 369 -1.09 -13.14 -48.74
N GLN A 370 -2.20 -13.28 -49.44
CA GLN A 370 -2.20 -12.95 -50.85
C GLN A 370 -1.88 -11.45 -50.97
N ILE A 371 -2.47 -10.63 -50.10
CA ILE A 371 -2.24 -9.19 -50.07
C ILE A 371 -0.77 -8.88 -49.86
N LEU A 372 -0.15 -9.54 -48.87
CA LEU A 372 1.19 -9.16 -48.48
C LEU A 372 2.25 -9.69 -49.47
N LEU A 373 1.92 -10.75 -50.24
CA LEU A 373 2.88 -11.44 -51.10
C LEU A 373 2.74 -10.96 -52.55
N LYS A 374 1.70 -10.19 -52.87
CA LYS A 374 1.47 -9.63 -54.19
C LYS A 374 2.77 -9.05 -54.78
N MET B 3 25.05 -14.06 6.90
CA MET B 3 24.16 -12.88 6.77
C MET B 3 24.18 -12.10 8.10
N ILE B 4 24.40 -10.79 8.05
CA ILE B 4 24.24 -10.00 9.26
C ILE B 4 22.79 -9.55 9.38
N LYS B 5 22.13 -9.91 10.49
CA LYS B 5 20.70 -9.67 10.61
C LYS B 5 20.44 -8.41 11.44
N LEU B 6 19.30 -7.78 11.17
CA LEU B 6 18.85 -6.58 11.86
C LEU B 6 18.59 -6.85 13.34
N SER B 7 17.98 -8.00 13.64
CA SER B 7 17.69 -8.39 15.00
C SER B 7 17.86 -9.90 15.11
N GLN B 8 18.18 -10.34 16.33
CA GLN B 8 18.35 -11.76 16.60
C GLN B 8 17.87 -12.02 18.02
N PRO B 9 16.55 -12.26 18.24
CA PRO B 9 16.00 -12.46 19.60
C PRO B 9 16.83 -13.43 20.43
N THR B 10 17.17 -12.99 21.63
CA THR B 10 18.03 -13.75 22.52
C THR B 10 17.16 -14.30 23.66
N ILE B 11 16.94 -15.63 23.71
CA ILE B 11 16.18 -16.25 24.77
C ILE B 11 17.13 -17.05 25.66
N PRO B 12 17.46 -16.58 26.90
CA PRO B 12 18.35 -17.32 27.80
C PRO B 12 17.88 -18.76 28.01
N GLU B 13 18.87 -19.63 28.18
CA GLU B 13 18.66 -21.06 28.30
C GLU B 13 17.89 -21.37 29.58
N ALA B 14 18.11 -20.58 30.63
CA ALA B 14 17.34 -20.73 31.85
C ALA B 14 15.85 -20.50 31.59
N ALA B 15 15.52 -19.51 30.76
CA ALA B 15 14.14 -19.24 30.38
C ALA B 15 13.57 -20.42 29.62
N ILE B 16 14.35 -20.99 28.69
CA ILE B 16 13.92 -22.14 27.89
C ILE B 16 13.51 -23.30 28.80
N GLU B 17 14.39 -23.61 29.76
CA GLU B 17 14.16 -24.71 30.70
C GLU B 17 12.93 -24.43 31.56
N ARG B 18 12.78 -23.19 32.00
CA ARG B 18 11.62 -22.77 32.78
C ARG B 18 10.32 -22.98 31.98
N VAL B 19 10.32 -22.58 30.70
CA VAL B 19 9.13 -22.72 29.87
C VAL B 19 8.75 -24.19 29.79
N SER B 20 9.76 -25.05 29.64
CA SER B 20 9.56 -26.49 29.62
C SER B 20 8.90 -26.97 30.92
N GLU B 21 9.37 -26.47 32.06
CA GLU B 21 8.83 -26.86 33.36
C GLU B 21 7.35 -26.42 33.46
N ILE B 22 7.06 -25.19 33.04
CA ILE B 22 5.70 -24.64 33.12
C ILE B 22 4.75 -25.44 32.24
N LEU B 23 5.16 -25.74 31.00
CA LEU B 23 4.30 -26.50 30.10
C LEU B 23 4.03 -27.90 30.66
N ARG B 24 5.08 -28.48 31.26
CA ARG B 24 4.97 -29.80 31.85
C ARG B 24 4.02 -29.76 33.05
N SER B 25 4.16 -28.74 33.91
CA SER B 25 3.29 -28.57 35.08
C SER B 25 1.84 -28.34 34.69
N GLY B 26 1.61 -27.77 33.51
CA GLY B 26 0.28 -27.40 33.07
C GLY B 26 -0.29 -26.15 33.77
N GLN B 27 0.55 -25.33 34.43
CA GLN B 27 0.17 -24.00 34.92
C GLN B 27 0.39 -22.93 33.84
N LEU B 28 -0.59 -22.77 32.94
CA LEU B 28 -0.37 -22.06 31.68
C LEU B 28 -0.85 -20.60 31.72
N VAL B 29 -2.07 -20.38 32.24
CA VAL B 29 -2.71 -19.07 32.16
C VAL B 29 -2.02 -18.16 33.18
N HIS B 30 -1.96 -16.85 32.87
CA HIS B 30 -1.48 -15.80 33.77
C HIS B 30 -1.54 -16.31 35.21
N GLY B 31 -0.36 -16.40 35.85
CA GLY B 31 -0.28 -16.80 37.25
C GLY B 31 0.80 -15.99 37.97
N GLU B 32 1.50 -16.68 38.87
CA GLU B 32 2.53 -16.10 39.71
C GLU B 32 3.63 -15.50 38.83
N GLU B 33 3.83 -16.11 37.66
CA GLU B 33 4.87 -15.72 36.73
C GLU B 33 4.55 -14.31 36.21
N CYS B 34 3.28 -14.08 35.87
CA CYS B 34 2.85 -12.79 35.39
C CYS B 34 2.90 -11.73 36.50
N GLU B 35 2.47 -12.11 37.69
CA GLU B 35 2.45 -11.20 38.83
C GLU B 35 3.87 -10.82 39.20
N SER B 36 4.75 -11.82 39.22
CA SER B 36 6.14 -11.58 39.56
C SER B 36 6.80 -10.70 38.52
N PHE B 37 6.52 -10.98 37.24
CA PHE B 37 7.08 -10.16 36.17
C PHE B 37 6.67 -8.71 36.39
N GLU B 38 5.39 -8.52 36.74
CA GLU B 38 4.86 -7.17 36.89
C GLU B 38 5.57 -6.45 38.03
N GLN B 39 5.81 -7.14 39.13
CA GLN B 39 6.52 -6.53 40.27
C GLN B 39 7.93 -6.13 39.86
N GLU B 40 8.58 -7.06 39.13
CA GLU B 40 9.94 -6.84 38.64
C GLU B 40 9.98 -5.66 37.66
N LEU B 41 8.98 -5.55 36.77
CA LEU B 41 8.91 -4.40 35.88
C LEU B 41 8.76 -3.10 36.68
N ALA B 42 7.92 -3.12 37.72
CA ALA B 42 7.61 -1.88 38.42
C ALA B 42 8.84 -1.40 39.21
N SER B 43 9.59 -2.36 39.76
N SER B 43 9.54 -2.36 39.82
CA SER B 43 10.81 -2.09 40.52
CA SER B 43 10.80 -2.07 40.50
C SER B 43 11.93 -1.62 39.59
C SER B 43 11.79 -1.46 39.50
N PHE B 44 11.98 -2.16 38.38
CA PHE B 44 12.91 -1.71 37.35
C PHE B 44 12.67 -0.25 36.95
N LEU B 45 11.39 0.10 36.85
CA LEU B 45 10.98 1.38 36.29
C LEU B 45 10.87 2.47 37.36
N GLY B 46 10.84 2.06 38.64
CA GLY B 46 10.48 2.94 39.73
C GLY B 46 9.03 3.44 39.63
N VAL B 47 8.11 2.56 39.24
CA VAL B 47 6.72 2.94 39.02
C VAL B 47 5.86 2.07 39.93
N LYS B 48 4.64 2.53 40.24
CA LYS B 48 3.85 1.84 41.26
C LYS B 48 3.18 0.60 40.66
N HIS B 49 2.63 0.70 39.45
CA HIS B 49 1.85 -0.40 38.89
C HIS B 49 2.38 -0.86 37.53
N ALA B 50 2.36 -2.18 37.30
CA ALA B 50 2.54 -2.70 35.96
C ALA B 50 1.56 -3.83 35.66
N LEU B 51 1.16 -3.94 34.39
CA LEU B 51 0.33 -5.04 33.88
C LEU B 51 0.95 -5.62 32.61
N VAL B 52 1.12 -6.95 32.55
CA VAL B 52 1.61 -7.56 31.33
C VAL B 52 0.42 -8.04 30.49
N VAL B 53 0.58 -7.88 29.18
CA VAL B 53 -0.50 -8.08 28.22
C VAL B 53 0.06 -8.78 26.97
N SER B 54 -0.86 -9.13 26.04
CA SER B 54 -0.61 -9.95 24.86
C SER B 54 0.45 -9.36 23.94
N ASN B 55 0.49 -8.02 23.86
CA ASN B 55 1.40 -7.32 22.96
C ASN B 55 1.39 -5.82 23.29
N GLY B 56 2.26 -5.06 22.59
CA GLY B 56 2.38 -3.63 22.83
C GLY B 56 1.15 -2.83 22.38
N THR B 57 0.57 -3.24 21.27
CA THR B 57 -0.69 -2.65 20.81
C THR B 57 -1.76 -2.76 21.90
N ALA B 58 -1.83 -3.93 22.55
CA ALA B 58 -2.77 -4.14 23.62
C ALA B 58 -2.59 -3.17 24.77
N ALA B 59 -1.33 -2.96 25.20
CA ALA B 59 -0.99 -1.98 26.24
C ALA B 59 -1.58 -0.63 25.85
N LEU B 60 -1.36 -0.21 24.62
CA LEU B 60 -1.86 1.07 24.12
C LEU B 60 -3.40 1.10 24.14
N HIS B 61 -4.02 0.01 23.69
CA HIS B 61 -5.47 -0.13 23.68
C HIS B 61 -6.10 0.00 25.07
N LEU B 62 -5.56 -0.72 26.05
CA LEU B 62 -6.04 -0.67 27.41
C LEU B 62 -5.82 0.72 28.02
N ALA B 63 -4.81 1.44 27.57
CA ALA B 63 -4.54 2.76 28.12
C ALA B 63 -5.61 3.72 27.61
N LEU B 64 -5.83 3.74 26.30
CA LEU B 64 -6.94 4.50 25.72
C LEU B 64 -8.27 4.16 26.42
N LEU B 65 -8.59 2.85 26.50
CA LEU B 65 -9.86 2.41 27.04
C LEU B 65 -9.95 2.78 28.53
N ALA B 66 -8.86 2.67 29.27
CA ALA B 66 -8.91 3.00 30.70
C ALA B 66 -9.11 4.51 30.91
N LEU B 67 -8.80 5.35 29.92
CA LEU B 67 -9.04 6.78 30.05
C LEU B 67 -10.33 7.20 29.33
N ASP B 68 -11.23 6.22 29.07
CA ASP B 68 -12.54 6.44 28.45
CA ASP B 68 -12.54 6.46 28.47
C ASP B 68 -12.39 7.23 27.16
N ILE B 69 -11.36 6.91 26.37
CA ILE B 69 -11.16 7.56 25.11
C ILE B 69 -11.85 6.71 24.05
N GLY B 70 -12.70 7.34 23.25
CA GLY B 70 -13.32 6.64 22.14
C GLY B 70 -14.09 7.63 21.26
N VAL B 71 -15.22 7.17 20.70
CA VAL B 71 -16.11 7.94 19.87
C VAL B 71 -16.27 9.37 20.41
N GLY B 72 -16.08 10.38 19.54
CA GLY B 72 -16.24 11.77 19.93
C GLY B 72 -14.95 12.42 20.47
N ASP B 73 -13.86 11.64 20.58
CA ASP B 73 -12.59 12.11 21.14
C ASP B 73 -11.49 12.14 20.09
N ALA B 74 -10.34 12.72 20.47
CA ALA B 74 -9.20 12.85 19.59
C ALA B 74 -7.91 12.65 20.37
N VAL B 75 -6.93 12.00 19.70
CA VAL B 75 -5.64 11.76 20.33
C VAL B 75 -4.57 12.18 19.34
N ILE B 76 -3.59 12.93 19.85
CA ILE B 76 -2.47 13.41 19.06
C ILE B 76 -1.38 12.34 19.03
N VAL B 77 -0.96 12.00 17.81
CA VAL B 77 0.06 10.98 17.58
C VAL B 77 1.17 11.60 16.74
N PRO B 78 2.40 11.02 16.71
CA PRO B 78 3.41 11.46 15.75
C PRO B 78 3.23 10.92 14.34
N ASP B 79 3.71 11.68 13.36
CA ASP B 79 3.64 11.25 11.98
C ASP B 79 4.59 10.08 11.71
N PHE B 80 5.72 10.02 12.44
CA PHE B 80 6.73 9.00 12.22
C PHE B 80 6.66 7.97 13.35
N THR B 81 6.24 6.75 13.01
CA THR B 81 6.08 5.68 13.99
C THR B 81 5.60 4.42 13.29
N PHE B 82 5.42 3.36 14.07
CA PHE B 82 4.78 2.18 13.53
C PHE B 82 3.27 2.41 13.57
N ALA B 83 2.54 1.92 12.56
CA ALA B 83 1.15 2.28 12.32
C ALA B 83 0.25 1.98 13.53
N ALA B 84 0.64 1.01 14.34
CA ALA B 84 -0.16 0.60 15.48
C ALA B 84 -0.52 1.81 16.33
N THR B 85 0.40 2.78 16.44
CA THR B 85 0.19 3.95 17.29
C THR B 85 -1.12 4.64 16.92
N ALA B 86 -1.27 4.95 15.63
CA ALA B 86 -2.40 5.72 15.13
C ALA B 86 -3.62 4.81 14.91
N ASN B 87 -3.36 3.59 14.39
CA ASN B 87 -4.37 2.54 14.28
C ASN B 87 -5.17 2.38 15.57
N ILE B 88 -4.50 2.30 16.72
CA ILE B 88 -5.16 1.79 17.91
C ILE B 88 -6.05 2.88 18.50
N VAL B 89 -5.68 4.15 18.26
CA VAL B 89 -6.54 5.28 18.58
C VAL B 89 -7.86 5.11 17.84
N GLU B 90 -7.79 4.82 16.54
CA GLU B 90 -8.97 4.80 15.69
C GLU B 90 -9.85 3.59 16.01
N MET B 91 -9.24 2.48 16.45
CA MET B 91 -10.00 1.29 16.82
C MET B 91 -10.87 1.54 18.05
N THR B 92 -10.61 2.59 18.83
CA THR B 92 -11.48 2.92 19.95
C THR B 92 -12.68 3.77 19.49
N GLY B 93 -12.60 4.30 18.28
CA GLY B 93 -13.57 5.27 17.79
C GLY B 93 -13.04 6.71 17.85
N ALA B 94 -11.94 6.96 18.58
CA ALA B 94 -11.30 8.28 18.58
C ALA B 94 -10.61 8.56 17.25
N LYS B 95 -10.25 9.84 17.03
CA LYS B 95 -9.61 10.21 15.79
C LYS B 95 -8.14 10.51 16.08
N ALA B 96 -7.27 10.00 15.20
CA ALA B 96 -5.83 10.16 15.32
C ALA B 96 -5.43 11.48 14.66
N ILE B 97 -4.97 12.42 15.49
CA ILE B 97 -4.53 13.72 15.03
C ILE B 97 -2.99 13.74 14.96
N ILE B 98 -2.46 13.89 13.74
CA ILE B 98 -1.03 13.73 13.45
C ILE B 98 -0.28 15.05 13.59
N VAL B 99 0.81 15.01 14.35
CA VAL B 99 1.80 16.08 14.43
C VAL B 99 3.14 15.58 13.89
N ASP B 100 3.88 16.46 13.19
CA ASP B 100 5.12 16.08 12.53
C ASP B 100 6.19 15.85 13.59
N VAL B 101 7.30 15.25 13.17
CA VAL B 101 8.40 14.91 14.06
C VAL B 101 9.59 15.83 13.78
N ASP B 102 10.54 15.75 14.72
CA ASP B 102 11.83 16.43 14.67
C ASP B 102 12.87 15.59 13.91
N ILE B 103 13.58 16.22 12.94
CA ILE B 103 14.49 15.56 12.00
C ILE B 103 15.74 14.99 12.66
N GLU B 104 16.03 15.42 13.89
CA GLU B 104 17.18 14.98 14.67
C GLU B 104 16.82 13.77 15.52
N THR B 105 15.73 13.91 16.31
CA THR B 105 15.35 12.96 17.33
C THR B 105 14.46 11.85 16.78
N TYR B 106 13.72 12.16 15.73
CA TYR B 106 12.71 11.29 15.13
C TYR B 106 11.44 11.24 15.99
N ASN B 107 11.36 12.10 17.01
CA ASN B 107 10.25 12.13 17.95
C ASN B 107 9.36 13.34 17.67
N MET B 108 8.19 13.34 18.32
CA MET B 108 7.18 14.34 18.07
C MET B 108 7.75 15.73 18.38
N ASP B 109 7.67 16.63 17.39
CA ASP B 109 8.11 18.00 17.53
C ASP B 109 7.24 18.71 18.56
N SER B 110 7.79 19.01 19.75
CA SER B 110 7.02 19.61 20.83
C SER B 110 6.33 20.93 20.46
N GLU B 111 6.81 21.65 19.43
CA GLU B 111 6.31 22.99 19.15
C GLU B 111 5.18 22.90 18.15
N LEU B 112 5.32 22.00 17.17
CA LEU B 112 4.18 21.68 16.32
C LEU B 112 3.08 21.08 17.21
N LEU B 113 3.46 20.33 18.25
CA LEU B 113 2.49 19.76 19.17
C LEU B 113 1.64 20.88 19.81
N GLU B 114 2.31 21.83 20.49
CA GLU B 114 1.60 22.90 21.20
C GLU B 114 0.74 23.70 20.23
N SER B 115 1.28 23.98 19.05
CA SER B 115 0.58 24.71 18.01
C SER B 115 -0.67 23.96 17.53
N CYS B 116 -0.59 22.63 17.43
CA CYS B 116 -1.73 21.80 17.05
C CYS B 116 -2.83 21.89 18.10
N ILE B 117 -2.44 21.86 19.38
CA ILE B 117 -3.38 21.95 20.49
C ILE B 117 -4.05 23.32 20.48
N GLN B 118 -3.26 24.36 20.18
CA GLN B 118 -3.76 25.72 20.29
C GLN B 118 -4.71 26.03 19.15
N SER B 119 -4.53 25.41 17.99
CA SER B 119 -5.40 25.70 16.84
C SER B 119 -6.50 24.65 16.69
N TRP B 120 -6.68 23.81 17.72
CA TRP B 120 -7.62 22.70 17.65
C TRP B 120 -9.06 23.23 17.51
N SER B 121 -9.71 22.92 16.38
CA SER B 121 -11.05 23.48 16.17
C SER B 121 -12.17 22.45 16.39
N GLY B 122 -11.88 21.20 16.77
CA GLY B 122 -12.91 20.19 16.96
C GLY B 122 -13.25 19.48 15.65
N PRO B 123 -14.45 18.86 15.50
CA PRO B 123 -15.49 18.83 16.54
C PRO B 123 -15.21 17.96 17.77
N GLU B 124 -14.37 16.93 17.61
CA GLU B 124 -14.09 15.94 18.65
C GLU B 124 -13.44 16.64 19.84
N LYS B 125 -13.52 16.03 21.02
CA LYS B 125 -12.78 16.55 22.16
C LYS B 125 -11.39 15.92 22.20
N LEU B 126 -10.39 16.79 22.22
CA LEU B 126 -9.02 16.39 22.39
C LEU B 126 -8.83 15.87 23.80
N LYS B 127 -8.42 14.61 23.98
CA LYS B 127 -8.33 14.04 25.31
C LYS B 127 -6.90 13.66 25.70
N ALA B 128 -6.04 13.36 24.74
CA ALA B 128 -4.71 12.88 25.11
C ALA B 128 -3.69 13.12 24.02
N ILE B 129 -2.42 13.10 24.47
CA ILE B 129 -1.23 13.08 23.63
C ILE B 129 -0.56 11.71 23.80
N MET B 130 -0.21 11.10 22.68
CA MET B 130 0.41 9.79 22.65
C MET B 130 1.71 9.91 21.85
N PRO B 131 2.75 10.53 22.43
CA PRO B 131 4.03 10.64 21.73
C PRO B 131 4.72 9.29 21.72
N VAL B 132 5.55 9.03 20.71
CA VAL B 132 6.39 7.86 20.65
C VAL B 132 7.81 8.22 21.10
N LEU B 133 8.41 7.38 21.94
CA LEU B 133 9.83 7.46 22.24
C LEU B 133 10.52 6.55 21.24
N GLU B 134 10.70 7.09 20.05
CA GLU B 134 10.96 6.27 18.88
C GLU B 134 12.37 5.69 19.00
N PHE B 135 12.48 4.39 18.74
CA PHE B 135 13.73 3.64 18.71
C PHE B 135 14.45 3.61 20.06
N GLY B 136 13.76 3.97 21.15
CA GLY B 136 14.40 4.08 22.44
C GLY B 136 14.88 5.49 22.75
N ASN B 137 14.51 6.45 21.91
CA ASN B 137 14.93 7.81 22.17
C ASN B 137 13.99 8.51 23.15
N PRO B 138 14.45 8.92 24.35
CA PRO B 138 13.60 9.60 25.32
C PRO B 138 13.47 11.10 25.12
N HIS B 139 14.17 11.66 24.14
CA HIS B 139 14.23 13.12 24.00
C HIS B 139 12.85 13.69 23.68
N GLY B 140 12.39 14.60 24.57
CA GLY B 140 11.13 15.31 24.45
C GLY B 140 10.16 15.01 25.59
N LEU B 141 10.46 13.96 26.39
CA LEU B 141 9.45 13.38 27.27
C LEU B 141 8.99 14.41 28.30
N LYS B 142 9.94 15.12 28.90
CA LYS B 142 9.61 16.10 29.93
C LYS B 142 8.74 17.21 29.33
N LYS B 143 9.00 17.57 28.06
CA LYS B 143 8.29 18.65 27.40
C LYS B 143 6.86 18.20 27.08
N TYR B 144 6.73 16.95 26.59
CA TYR B 144 5.44 16.34 26.34
C TYR B 144 4.57 16.40 27.60
N ARG B 145 5.19 16.09 28.74
CA ARG B 145 4.49 16.06 30.02
C ARG B 145 4.09 17.48 30.41
N GLU B 146 4.97 18.43 30.16
CA GLU B 146 4.73 19.80 30.55
C GLU B 146 3.62 20.38 29.67
N ILE B 147 3.62 20.00 28.39
CA ILE B 147 2.58 20.43 27.48
C ILE B 147 1.24 19.81 27.88
N ALA B 148 1.25 18.52 28.24
CA ALA B 148 0.04 17.80 28.60
C ALA B 148 -0.63 18.41 29.82
N ASN B 149 0.14 18.72 30.86
CA ASN B 149 -0.40 19.29 32.10
C ASN B 149 -1.04 20.63 31.80
N LYS B 150 -0.35 21.42 30.98
CA LYS B 150 -0.70 22.81 30.77
C LYS B 150 -2.05 22.88 30.04
N TYR B 151 -2.37 21.91 29.20
CA TYR B 151 -3.62 21.90 28.44
C TYR B 151 -4.60 20.85 28.95
N ASN B 152 -4.32 20.33 30.15
CA ASN B 152 -5.16 19.37 30.83
C ASN B 152 -5.53 18.17 29.96
N LEU B 153 -4.55 17.68 29.18
CA LEU B 153 -4.67 16.45 28.42
C LEU B 153 -3.94 15.31 29.13
N ALA B 154 -4.38 14.08 28.84
CA ALA B 154 -3.69 12.91 29.35
C ALA B 154 -2.47 12.67 28.46
N LEU B 155 -1.42 12.09 29.04
CA LEU B 155 -0.23 11.72 28.28
C LEU B 155 -0.09 10.20 28.30
N ILE B 156 -0.10 9.57 27.13
CA ILE B 156 0.10 8.13 27.04
C ILE B 156 1.43 7.89 26.32
N GLU B 157 2.45 7.40 27.03
CA GLU B 157 3.72 7.16 26.34
C GLU B 157 3.63 5.89 25.49
N ASP B 158 3.77 6.01 24.17
CA ASP B 158 4.02 4.83 23.37
C ASP B 158 5.52 4.55 23.45
N ALA B 159 5.89 3.84 24.51
CA ALA B 159 7.27 3.47 24.79
C ALA B 159 7.55 2.05 24.28
N ALA B 160 6.86 1.64 23.22
CA ALA B 160 6.99 0.32 22.64
C ALA B 160 8.46 -0.12 22.54
N CYS B 161 9.30 0.76 21.98
CA CYS B 161 10.70 0.48 21.70
C CYS B 161 11.66 0.95 22.80
N ALA B 162 11.18 1.31 23.98
CA ALA B 162 12.01 2.13 24.84
C ALA B 162 11.98 1.64 26.27
N LEU B 163 11.69 0.36 26.48
CA LEU B 163 11.95 -0.21 27.80
C LEU B 163 13.43 -0.06 28.12
N GLY B 164 13.70 0.67 29.20
CA GLY B 164 15.02 0.85 29.74
C GLY B 164 15.62 2.18 29.35
N ALA B 165 15.02 2.88 28.39
CA ALA B 165 15.41 4.25 28.10
C ALA B 165 15.12 5.13 29.32
N LYS B 166 15.86 6.26 29.42
CA LYS B 166 15.76 7.18 30.54
C LYS B 166 15.78 8.60 30.01
N GLU B 167 14.94 9.46 30.60
CA GLU B 167 14.97 10.89 30.40
C GLU B 167 15.57 11.51 31.67
N GLN B 168 16.89 11.76 31.63
CA GLN B 168 17.66 12.21 32.78
C GLN B 168 17.60 11.13 33.87
N ASP B 169 16.96 11.44 35.00
CA ASP B 169 16.85 10.54 36.13
C ASP B 169 15.64 9.62 35.99
N VAL B 170 14.70 9.95 35.09
CA VAL B 170 13.39 9.33 35.08
C VAL B 170 13.30 8.26 33.99
N MET B 171 12.80 7.07 34.36
CA MET B 171 12.64 5.98 33.40
C MET B 171 11.49 6.26 32.45
N VAL B 172 11.75 6.06 31.16
CA VAL B 172 10.71 6.20 30.16
C VAL B 172 9.61 5.21 30.49
N GLY B 173 8.37 5.66 30.21
CA GLY B 173 7.16 4.93 30.51
C GLY B 173 6.48 5.40 31.79
N THR B 174 7.23 6.09 32.67
CA THR B 174 6.76 6.41 34.00
C THR B 174 6.42 7.88 34.14
N VAL B 175 6.45 8.64 33.06
CA VAL B 175 6.15 10.07 33.06
C VAL B 175 4.70 10.31 32.60
N GLY B 176 4.22 9.47 31.68
CA GLY B 176 2.85 9.59 31.20
C GLY B 176 1.84 9.24 32.29
N ASP B 177 0.57 9.59 32.05
CA ASP B 177 -0.47 9.09 32.94
C ASP B 177 -0.38 7.57 32.94
N MET B 178 -0.11 7.02 31.74
CA MET B 178 0.27 5.62 31.58
C MET B 178 1.38 5.47 30.54
N GLY B 179 2.17 4.40 30.67
CA GLY B 179 3.20 4.07 29.71
C GLY B 179 3.04 2.66 29.15
N CYS B 180 3.44 2.50 27.88
CA CYS B 180 3.19 1.28 27.15
C CYS B 180 4.48 0.75 26.55
N PHE B 181 4.73 -0.53 26.72
CA PHE B 181 5.93 -1.18 26.22
C PHE B 181 5.55 -2.37 25.34
N SER B 182 6.40 -2.67 24.33
CA SER B 182 6.26 -3.84 23.48
C SER B 182 7.40 -4.84 23.75
N PHE B 183 7.04 -6.14 23.74
CA PHE B 183 7.98 -7.25 23.84
C PHE B 183 8.02 -8.09 22.56
N HIS B 184 7.75 -7.43 21.44
CA HIS B 184 7.82 -8.00 20.12
C HIS B 184 9.28 -8.36 19.81
N PRO B 185 9.58 -9.37 18.94
CA PRO B 185 10.95 -9.89 18.79
C PRO B 185 12.05 -8.90 18.39
N ARG B 186 11.71 -7.79 17.74
CA ARG B 186 12.78 -6.85 17.38
C ARG B 186 12.98 -5.79 18.47
N1 LLP B 187 4.15 1.29 18.84
C2 LLP B 187 5.38 1.35 18.35
C2' LLP B 187 6.10 2.66 18.31
C3 LLP B 187 6.05 0.19 17.95
O3 LLP B 187 7.33 0.23 17.47
C4 LLP B 187 5.40 -1.06 17.90
C4' LLP B 187 6.25 -2.22 17.62
C5 LLP B 187 4.11 -1.08 18.46
C6 LLP B 187 3.52 0.10 18.84
C5' LLP B 187 3.27 -2.32 18.54
OP4 LLP B 187 3.69 -3.22 19.60
P LLP B 187 3.40 -4.77 19.35
OP1 LLP B 187 3.97 -5.47 20.54
OP2 LLP B 187 1.88 -4.97 19.23
OP3 LLP B 187 4.13 -5.13 18.07
N LLP B 187 12.20 -5.84 19.55
CA LLP B 187 12.45 -4.95 20.67
CB LLP B 187 11.12 -4.34 21.18
CG LLP B 187 9.93 -4.28 20.18
CD LLP B 187 9.49 -2.98 19.46
CE LLP B 187 8.43 -3.29 18.28
NZ LLP B 187 7.57 -2.14 17.92
C LLP B 187 13.39 -5.78 21.56
O LLP B 187 13.54 -6.98 21.34
N THR B 188 14.10 -5.17 22.49
CA THR B 188 15.32 -5.77 23.04
C THR B 188 14.99 -6.88 24.03
N LEU B 189 13.98 -6.63 24.86
CA LEU B 189 13.33 -7.69 25.61
C LEU B 189 12.14 -8.18 24.80
N THR B 190 12.09 -9.50 24.58
CA THR B 190 11.01 -10.14 23.86
C THR B 190 10.45 -11.30 24.65
N THR B 191 9.12 -11.47 24.53
CA THR B 191 8.40 -12.66 24.99
C THR B 191 7.71 -13.32 23.80
N GLY B 192 8.24 -13.08 22.59
CA GLY B 192 7.62 -13.55 21.37
C GLY B 192 6.58 -12.54 20.89
N GLU B 193 5.44 -12.52 21.60
CA GLU B 193 4.54 -11.39 21.65
C GLU B 193 4.34 -11.07 23.13
N GLY B 194 4.22 -9.79 23.43
CA GLY B 194 3.87 -9.36 24.78
C GLY B 194 4.02 -7.85 24.88
N GLY B 195 3.56 -7.31 26.01
CA GLY B 195 3.80 -5.90 26.34
C GLY B 195 3.49 -5.64 27.81
N ALA B 196 3.54 -4.37 28.18
CA ALA B 196 3.18 -4.00 29.52
C ALA B 196 2.61 -2.59 29.50
N LEU B 197 1.64 -2.39 30.39
CA LEU B 197 1.05 -1.09 30.66
C LEU B 197 1.43 -0.76 32.10
N VAL B 198 2.00 0.43 32.30
CA VAL B 198 2.45 0.82 33.63
C VAL B 198 1.86 2.19 33.99
N THR B 199 1.79 2.46 35.29
CA THR B 199 1.24 3.72 35.76
C THR B 199 1.45 3.87 37.25
N ASN B 200 1.36 5.13 37.69
CA ASN B 200 1.40 5.41 39.11
C ASN B 200 -0.01 5.59 39.66
N ASN B 201 -0.99 5.64 38.76
CA ASN B 201 -2.37 5.93 39.12
C ASN B 201 -3.12 4.63 39.43
N ASP B 202 -3.54 4.48 40.69
CA ASP B 202 -4.21 3.28 41.16
C ASP B 202 -5.49 3.00 40.39
N GLN B 203 -6.25 4.05 40.07
CA GLN B 203 -7.55 3.88 39.44
C GLN B 203 -7.37 3.43 38.00
N LEU B 204 -6.40 4.03 37.29
CA LEU B 204 -6.10 3.64 35.91
C LEU B 204 -5.62 2.18 35.87
N TYR B 205 -4.88 1.77 36.90
CA TYR B 205 -4.38 0.41 37.01
C TYR B 205 -5.55 -0.56 37.11
N GLU B 206 -6.41 -0.35 38.11
CA GLU B 206 -7.45 -1.31 38.45
C GLU B 206 -8.37 -1.45 37.25
N LYS B 207 -8.61 -0.34 36.59
CA LYS B 207 -9.47 -0.34 35.43
C LYS B 207 -8.86 -1.11 34.25
N ALA B 208 -7.58 -0.87 33.94
CA ALA B 208 -6.95 -1.59 32.83
C ALA B 208 -6.88 -3.08 33.19
N LYS B 209 -6.70 -3.38 34.47
CA LYS B 209 -6.65 -4.77 34.94
C LYS B 209 -7.96 -5.52 34.67
N LEU B 210 -9.12 -4.87 34.89
CA LEU B 210 -10.41 -5.45 34.53
C LEU B 210 -10.53 -5.62 33.03
N LEU B 211 -10.22 -4.56 32.28
CA LEU B 211 -10.41 -4.59 30.85
C LEU B 211 -9.59 -5.71 30.20
N ARG B 212 -8.46 -6.09 30.82
CA ARG B 212 -7.53 -7.09 30.29
C ARG B 212 -8.13 -8.49 30.31
N SER B 213 -9.08 -8.70 31.21
CA SER B 213 -9.63 -10.01 31.46
C SER B 213 -11.14 -9.96 31.71
N HIS B 214 -11.89 -9.57 30.68
CA HIS B 214 -13.33 -9.72 30.58
C HIS B 214 -14.05 -9.01 31.72
N GLY B 215 -13.43 -7.96 32.29
CA GLY B 215 -14.00 -7.19 33.39
C GLY B 215 -14.10 -7.95 34.71
N MET B 216 -13.32 -9.04 34.84
CA MET B 216 -13.42 -10.05 35.89
C MET B 216 -12.49 -9.73 37.05
N MET B 217 -12.98 -9.98 38.24
CA MET B 217 -12.16 -9.96 39.41
C MET B 217 -12.59 -11.17 40.22
N ARG B 218 -11.59 -11.97 40.63
CA ARG B 218 -11.83 -13.17 41.41
C ARG B 218 -11.69 -12.82 42.89
N GLY B 219 -12.82 -12.78 43.61
CA GLY B 219 -12.82 -12.51 45.05
C GLY B 219 -12.86 -13.80 45.85
N GLU B 220 -12.74 -13.68 47.18
CA GLU B 220 -12.70 -14.87 48.03
C GLU B 220 -13.91 -15.76 47.73
N PHE B 221 -15.13 -15.19 47.71
CA PHE B 221 -16.35 -16.00 47.64
C PHE B 221 -17.03 -15.85 46.27
N GLY B 222 -16.33 -15.24 45.30
CA GLY B 222 -16.83 -15.28 43.93
C GLY B 222 -16.06 -14.42 42.94
N ILE B 223 -16.45 -14.63 41.67
CA ILE B 223 -16.04 -13.78 40.57
C ILE B 223 -17.03 -12.64 40.43
N GLU B 224 -16.50 -11.41 40.29
CA GLU B 224 -17.32 -10.26 39.96
C GLU B 224 -17.01 -9.79 38.54
N PHE B 225 -18.06 -9.70 37.71
CA PHE B 225 -17.98 -8.99 36.44
C PHE B 225 -18.37 -7.52 36.65
N ARG B 226 -17.34 -6.68 36.76
CA ARG B 226 -17.51 -5.28 37.12
C ARG B 226 -17.82 -4.42 35.90
N CYS B 227 -17.38 -4.87 34.73
CA CYS B 227 -17.47 -4.06 33.54
C CYS B 227 -17.28 -4.97 32.36
N ILE B 228 -17.49 -4.39 31.18
CA ILE B 228 -17.27 -5.07 29.93
C ILE B 228 -15.78 -5.01 29.64
N GLY B 229 -15.23 -6.10 29.09
CA GLY B 229 -13.77 -6.23 28.96
C GLY B 229 -13.38 -7.02 27.72
N LEU B 230 -12.07 -7.17 27.56
CA LEU B 230 -11.46 -7.97 26.50
C LEU B 230 -10.63 -9.10 27.10
N ASN B 231 -9.96 -9.84 26.21
CA ASN B 231 -8.91 -10.76 26.61
C ASN B 231 -7.57 -10.31 26.03
N TYR B 232 -6.71 -9.80 26.91
CA TYR B 232 -5.36 -9.43 26.54
C TYR B 232 -4.33 -10.06 27.51
N ARG B 233 -4.68 -11.16 28.18
CA ARG B 233 -3.78 -11.83 29.12
C ARG B 233 -2.57 -12.38 28.36
N LEU B 234 -1.38 -12.28 28.99
CA LEU B 234 -0.17 -12.97 28.57
C LEU B 234 -0.08 -14.32 29.28
N THR B 235 0.44 -15.35 28.61
CA THR B 235 0.64 -16.65 29.23
C THR B 235 1.73 -16.59 30.29
N ASN B 236 1.69 -17.59 31.16
CA ASN B 236 2.62 -17.74 32.28
C ASN B 236 4.04 -17.97 31.76
N PHE B 237 4.14 -18.79 30.71
CA PHE B 237 5.41 -19.16 30.10
C PHE B 237 5.99 -18.02 29.29
N GLN B 238 5.16 -17.21 28.59
CA GLN B 238 5.67 -15.98 28.00
C GLN B 238 6.24 -15.07 29.08
N ALA B 239 5.54 -14.91 30.22
CA ALA B 239 6.02 -14.11 31.33
C ALA B 239 7.37 -14.61 31.85
N ALA B 240 7.54 -15.92 31.98
CA ALA B 240 8.79 -16.49 32.45
C ALA B 240 9.97 -16.06 31.57
N ILE B 241 9.75 -15.99 30.26
CA ILE B 241 10.77 -15.52 29.33
C ILE B 241 11.19 -14.10 29.67
N GLY B 242 10.21 -13.20 29.79
CA GLY B 242 10.51 -11.82 30.14
C GLY B 242 11.26 -11.69 31.48
N ARG B 243 10.88 -12.49 32.47
CA ARG B 243 11.47 -12.42 33.80
C ARG B 243 12.96 -12.73 33.73
N ALA B 244 13.32 -13.69 32.86
CA ALA B 244 14.71 -14.08 32.66
C ALA B 244 15.47 -13.00 31.91
N ILE B 245 14.82 -12.20 31.03
CA ILE B 245 15.59 -11.24 30.25
C ILE B 245 15.76 -9.94 31.01
N LEU B 246 14.78 -9.54 31.83
CA LEU B 246 14.79 -8.19 32.38
C LEU B 246 16.06 -7.86 33.18
N PRO B 247 16.58 -8.76 34.04
CA PRO B 247 17.82 -8.47 34.78
C PRO B 247 19.05 -8.22 33.90
N LYS B 248 18.99 -8.67 32.63
CA LYS B 248 20.08 -8.56 31.69
C LYS B 248 19.94 -7.32 30.82
N LEU B 249 18.78 -6.65 30.90
CA LEU B 249 18.42 -5.67 29.90
C LEU B 249 19.30 -4.44 29.98
N ASN B 250 19.66 -3.96 31.18
CA ASN B 250 20.49 -2.76 31.23
C ASN B 250 21.87 -3.02 30.62
N GLY B 251 22.39 -4.24 30.81
CA GLY B 251 23.64 -4.63 30.18
C GLY B 251 23.52 -4.65 28.66
N TRP B 252 22.44 -5.24 28.15
CA TRP B 252 22.25 -5.30 26.71
C TRP B 252 22.20 -3.88 26.18
N ILE B 253 21.56 -2.98 26.95
CA ILE B 253 21.37 -1.63 26.44
C ILE B 253 22.74 -0.96 26.40
N GLU B 254 23.56 -1.21 27.42
CA GLU B 254 24.89 -0.65 27.46
C GLU B 254 25.71 -1.11 26.25
N ARG B 255 25.63 -2.38 25.86
CA ARG B 255 26.41 -2.84 24.72
C ARG B 255 25.90 -2.24 23.41
N ARG B 256 24.57 -2.04 23.33
CA ARG B 256 23.96 -1.41 22.17
C ARG B 256 24.43 0.03 22.04
N ARG B 257 24.54 0.75 23.17
CA ARG B 257 25.04 2.11 23.13
C ARG B 257 26.49 2.10 22.64
N GLU B 258 27.23 1.09 23.10
CA GLU B 258 28.61 0.91 22.67
C GLU B 258 28.68 0.76 21.15
N LEU B 259 27.87 -0.14 20.57
CA LEU B 259 27.84 -0.33 19.13
C LEU B 259 27.41 0.96 18.43
N ALA B 260 26.51 1.76 19.04
CA ALA B 260 26.15 3.00 18.39
C ALA B 260 27.41 3.86 18.25
N THR B 261 28.28 3.85 19.27
CA THR B 261 29.44 4.72 19.24
C THR B 261 30.41 4.21 18.18
N ILE B 262 30.42 2.89 17.95
CA ILE B 262 31.22 2.32 16.88
C ILE B 262 30.72 2.78 15.51
N TYR B 263 29.40 2.74 15.28
CA TYR B 263 28.83 3.25 14.03
C TYR B 263 29.21 4.71 13.79
N GLU B 264 29.16 5.51 14.86
CA GLU B 264 29.57 6.90 14.84
C GLU B 264 31.03 7.04 14.39
N ASP B 265 31.91 6.20 14.91
CA ASP B 265 33.30 6.18 14.48
C ASP B 265 33.36 5.88 12.99
N ALA B 266 32.72 4.76 12.62
CA ALA B 266 32.92 4.19 11.30
C ALA B 266 32.22 5.02 10.22
N LEU B 267 31.10 5.67 10.53
CA LEU B 267 30.28 6.37 9.55
C LEU B 267 30.63 7.86 9.53
N ALA B 268 31.69 8.24 10.25
CA ALA B 268 32.04 9.67 10.35
C ALA B 268 32.35 10.27 8.97
N PRO B 269 33.18 9.63 8.11
CA PRO B 269 33.41 10.13 6.74
C PRO B 269 32.14 10.37 5.92
N LEU B 270 31.24 9.39 5.87
CA LEU B 270 30.02 9.55 5.08
C LEU B 270 29.22 10.73 5.60
N GLU B 271 29.18 10.89 6.93
CA GLU B 271 28.40 11.97 7.48
C GLU B 271 29.04 13.29 7.10
N GLN B 272 30.37 13.31 7.25
CA GLN B 272 31.14 14.52 7.00
C GLN B 272 30.87 14.98 5.56
N GLN B 273 30.87 14.04 4.61
CA GLN B 273 30.66 14.33 3.20
C GLN B 273 29.19 14.61 2.85
N GLY B 274 28.32 14.80 3.86
CA GLY B 274 26.92 15.16 3.64
C GLY B 274 26.06 14.06 3.02
N LEU B 275 26.53 12.80 3.03
CA LEU B 275 25.84 11.74 2.31
C LEU B 275 24.80 11.03 3.18
N ILE B 276 24.98 11.08 4.52
CA ILE B 276 24.04 10.49 5.46
C ILE B 276 23.97 11.40 6.67
N ARG B 277 22.84 11.36 7.36
CA ARG B 277 22.70 11.94 8.68
C ARG B 277 22.62 10.79 9.68
N LEU B 278 23.32 10.94 10.81
CA LEU B 278 23.34 9.91 11.84
C LEU B 278 22.31 10.30 12.88
N PRO B 279 21.73 9.32 13.60
CA PRO B 279 20.81 9.61 14.71
C PRO B 279 21.64 10.17 15.86
N LYS B 280 21.07 11.10 16.61
CA LYS B 280 21.72 11.63 17.81
C LYS B 280 21.40 10.72 18.99
N ILE B 281 22.40 9.97 19.47
CA ILE B 281 22.18 9.01 20.54
C ILE B 281 22.44 9.69 21.88
N VAL B 282 21.40 10.35 22.39
CA VAL B 282 21.52 11.11 23.62
C VAL B 282 21.72 10.17 24.82
N GLU B 283 22.12 10.79 25.94
CA GLU B 283 22.05 10.14 27.25
C GLU B 283 20.67 9.51 27.39
N GLY B 284 20.64 8.23 27.75
CA GLY B 284 19.40 7.55 28.08
C GLY B 284 18.73 6.88 26.89
N HIS B 285 19.18 7.15 25.66
CA HIS B 285 18.68 6.47 24.48
C HIS B 285 19.01 4.99 24.59
N SER B 286 18.02 4.10 24.40
CA SER B 286 18.22 2.69 24.69
C SER B 286 18.62 1.94 23.42
N VAL B 287 18.68 2.65 22.29
CA VAL B 287 19.17 2.15 21.02
C VAL B 287 18.50 0.83 20.62
N GLN B 288 17.17 0.83 20.56
CA GLN B 288 16.44 -0.33 20.07
C GLN B 288 16.63 -0.41 18.56
N THR B 289 16.75 0.74 17.92
CA THR B 289 17.04 0.82 16.50
C THR B 289 18.09 1.89 16.26
N TYR B 290 19.00 1.61 15.33
CA TYR B 290 19.94 2.62 14.89
C TYR B 290 19.53 3.02 13.48
N MET B 291 18.90 4.19 13.33
CA MET B 291 18.39 4.58 12.02
C MET B 291 19.15 5.81 11.51
N ILE B 292 19.77 5.67 10.34
CA ILE B 292 20.42 6.78 9.65
C ILE B 292 19.42 7.33 8.65
N VAL B 293 19.71 8.52 8.10
CA VAL B 293 18.90 9.10 7.04
C VAL B 293 19.76 9.27 5.78
N LEU B 294 19.40 8.60 4.68
CA LEU B 294 20.10 8.78 3.43
C LEU B 294 19.81 10.18 2.88
N SER B 295 20.77 10.82 2.21
CA SER B 295 20.50 12.11 1.57
C SER B 295 19.74 11.86 0.25
N ASP B 296 19.09 12.91 -0.29
CA ASP B 296 18.07 12.78 -1.33
C ASP B 296 18.60 12.15 -2.62
N GLN B 297 19.89 12.34 -2.88
CA GLN B 297 20.52 11.76 -4.05
C GLN B 297 20.32 10.25 -4.10
N PHE B 298 20.09 9.60 -2.95
CA PHE B 298 20.17 8.15 -2.90
C PHE B 298 18.79 7.52 -2.90
N ASN B 299 18.70 6.31 -3.43
CA ASN B 299 17.46 5.55 -3.47
C ASN B 299 17.51 4.40 -2.46
N ARG B 300 16.69 4.49 -1.39
CA ARG B 300 16.81 3.56 -0.27
C ARG B 300 16.70 2.10 -0.74
N THR B 301 15.80 1.82 -1.71
CA THR B 301 15.60 0.47 -2.19
C THR B 301 16.88 -0.07 -2.80
N GLU B 302 17.57 0.74 -3.60
CA GLU B 302 18.81 0.29 -4.24
C GLU B 302 19.88 0.05 -3.18
N VAL B 303 19.96 0.93 -2.18
CA VAL B 303 20.99 0.81 -1.14
C VAL B 303 20.77 -0.46 -0.36
N MET B 304 19.51 -0.70 0.06
CA MET B 304 19.12 -1.90 0.79
C MET B 304 19.47 -3.14 0.00
N LYS B 305 19.20 -3.09 -1.31
CA LYS B 305 19.44 -4.22 -2.20
C LYS B 305 20.94 -4.57 -2.25
N ALA B 306 21.79 -3.56 -2.36
CA ALA B 306 23.22 -3.76 -2.46
C ALA B 306 23.77 -4.24 -1.11
N LEU B 307 23.25 -3.73 0.02
CA LEU B 307 23.65 -4.25 1.33
C LEU B 307 23.33 -5.75 1.43
N LYS B 308 22.12 -6.13 0.99
CA LYS B 308 21.67 -7.49 1.08
C LYS B 308 22.60 -8.39 0.25
N GLU B 309 22.99 -7.90 -0.92
CA GLU B 309 23.95 -8.62 -1.75
C GLU B 309 25.32 -8.66 -1.06
N GLY B 310 25.65 -7.63 -0.26
CA GLY B 310 26.86 -7.61 0.55
C GLY B 310 26.74 -8.37 1.87
N GLY B 311 25.60 -9.07 2.06
CA GLY B 311 25.42 -9.95 3.22
C GLY B 311 24.79 -9.27 4.44
N ILE B 312 24.16 -8.10 4.24
CA ILE B 312 23.74 -7.23 5.31
C ILE B 312 22.25 -6.94 5.19
N GLU B 313 21.53 -7.27 6.26
CA GLU B 313 20.10 -6.95 6.35
C GLU B 313 19.93 -5.46 6.68
N SER B 314 18.85 -4.85 6.18
CA SER B 314 18.52 -3.48 6.54
C SER B 314 17.04 -3.25 6.25
N SER B 315 16.46 -2.14 6.72
CA SER B 315 15.04 -1.91 6.53
C SER B 315 14.74 -0.44 6.74
N LEU B 316 13.51 -0.04 6.39
CA LEU B 316 13.06 1.27 6.82
C LEU B 316 12.93 1.26 8.33
N GLY B 317 12.91 2.46 8.92
CA GLY B 317 12.78 2.61 10.36
C GLY B 317 11.33 2.59 10.85
N ALA B 318 10.48 3.39 10.21
CA ALA B 318 9.06 3.49 10.53
C ALA B 318 8.30 4.14 9.38
N GLN B 319 6.99 4.32 9.57
CA GLN B 319 6.12 4.81 8.51
C GLN B 319 5.76 6.25 8.81
N SER B 320 5.29 6.95 7.77
CA SER B 320 4.58 8.21 7.92
C SER B 320 3.08 7.91 7.96
N MET B 321 2.46 8.26 9.09
CA MET B 321 1.03 8.08 9.28
C MET B 321 0.27 8.85 8.20
N SER B 322 0.68 10.09 7.90
CA SER B 322 -0.02 10.89 6.89
C SER B 322 0.09 10.25 5.51
N GLU B 323 1.24 9.67 5.16
CA GLU B 323 1.40 9.03 3.86
C GLU B 323 0.58 7.74 3.78
N LEU B 324 0.24 7.12 4.93
CA LEU B 324 -0.55 5.89 4.90
C LEU B 324 -2.00 6.20 4.49
N LYS B 325 -2.46 7.44 4.73
CA LYS B 325 -3.76 7.96 4.32
C LYS B 325 -4.91 7.29 5.10
N LEU B 326 -4.59 6.68 6.25
CA LEU B 326 -5.57 5.93 7.03
C LEU B 326 -6.32 6.87 7.95
N PHE B 327 -5.68 7.98 8.33
CA PHE B 327 -6.18 8.77 9.43
C PHE B 327 -6.75 10.03 8.79
N ASN B 328 -8.06 9.97 8.48
CA ASN B 328 -8.69 10.85 7.52
C ASN B 328 -9.23 12.13 8.19
N HIS B 329 -8.91 12.40 9.46
CA HIS B 329 -9.46 13.59 10.10
C HIS B 329 -9.08 14.84 9.31
N ASP B 330 -9.90 15.88 9.43
CA ASP B 330 -9.79 17.00 8.50
C ASP B 330 -8.47 17.74 8.75
N SER B 331 -8.11 17.94 10.03
CA SER B 331 -6.91 18.65 10.38
C SER B 331 -5.65 17.91 9.89
N ASN B 332 -5.73 16.61 9.57
CA ASN B 332 -4.57 15.93 9.04
C ASN B 332 -4.44 16.25 7.56
N THR B 333 -5.58 16.18 6.86
CA THR B 333 -5.60 16.34 5.42
C THR B 333 -5.30 17.79 5.03
N LYS B 334 -5.48 18.73 5.98
CA LYS B 334 -5.21 20.15 5.76
C LYS B 334 -3.81 20.54 6.23
N SER B 335 -3.16 19.70 7.04
CA SER B 335 -1.79 19.96 7.43
C SER B 335 -0.85 19.56 6.31
N ASN B 336 0.40 19.99 6.45
CA ASN B 336 1.49 19.57 5.57
C ASN B 336 2.58 18.97 6.46
N TYR B 337 2.95 17.71 6.17
CA TYR B 337 3.94 16.97 6.94
C TYR B 337 5.19 16.86 6.09
N ILE B 338 6.34 17.21 6.67
CA ILE B 338 7.57 17.31 5.91
C ILE B 338 8.57 16.27 6.42
N ILE B 339 8.79 16.26 7.73
CA ILE B 339 9.87 15.46 8.29
C ILE B 339 9.47 13.98 8.25
N GLY B 340 8.33 13.64 8.85
CA GLY B 340 7.84 12.25 8.85
C GLY B 340 7.96 11.60 7.48
N PRO B 341 7.35 12.17 6.42
CA PRO B 341 7.47 11.64 5.06
C PRO B 341 8.91 11.43 4.57
N LYS B 342 9.79 12.37 4.93
CA LYS B 342 11.20 12.28 4.60
C LYS B 342 11.82 11.06 5.28
N LEU B 343 11.57 10.89 6.58
CA LEU B 343 12.11 9.76 7.31
C LEU B 343 11.59 8.44 6.72
N TYR B 344 10.32 8.45 6.28
CA TYR B 344 9.67 7.25 5.77
C TYR B 344 10.36 6.74 4.52
N ILE B 345 10.75 7.67 3.64
CA ILE B 345 11.38 7.40 2.35
C ILE B 345 12.90 7.15 2.46
N TYR B 346 13.58 7.90 3.34
CA TYR B 346 15.04 7.96 3.32
C TYR B 346 15.69 7.36 4.56
N GLY B 347 14.89 7.00 5.56
CA GLY B 347 15.41 6.39 6.78
C GLY B 347 15.89 4.95 6.58
N LEU B 348 17.08 4.64 7.11
CA LEU B 348 17.64 3.29 6.98
C LEU B 348 18.09 2.79 8.34
N ALA B 349 17.40 1.76 8.83
CA ALA B 349 17.78 1.02 10.02
C ALA B 349 18.86 0.02 9.66
N LEU B 350 19.94 0.03 10.45
CA LEU B 350 21.13 -0.76 10.24
C LEU B 350 21.25 -1.75 11.39
N PRO B 351 21.86 -2.93 11.16
CA PRO B 351 21.91 -3.95 12.21
C PRO B 351 22.53 -3.43 13.50
N LEU B 352 21.80 -3.66 14.60
CA LEU B 352 22.26 -3.31 15.92
C LEU B 352 21.57 -4.18 16.96
N HIS B 353 22.30 -5.15 17.53
CA HIS B 353 21.73 -6.07 18.50
C HIS B 353 22.81 -6.72 19.37
N GLU B 354 22.35 -7.60 20.26
CA GLU B 354 23.10 -8.22 21.33
C GLU B 354 24.31 -8.99 20.84
N HIS B 355 24.23 -9.57 19.64
CA HIS B 355 25.24 -10.46 19.11
C HIS B 355 25.89 -9.84 17.88
N LEU B 356 25.88 -8.52 17.79
CA LEU B 356 26.63 -7.80 16.77
C LEU B 356 27.94 -7.30 17.38
N ASN B 357 29.05 -7.42 16.62
CA ASN B 357 30.37 -7.03 17.13
C ASN B 357 31.02 -5.96 16.25
N ILE B 358 32.19 -5.48 16.68
CA ILE B 358 32.83 -4.38 15.97
C ILE B 358 33.12 -4.80 14.52
N ASP B 359 33.52 -6.06 14.30
CA ASP B 359 33.89 -6.51 12.97
C ASP B 359 32.66 -6.49 12.05
N ASP B 360 31.49 -6.82 12.61
CA ASP B 360 30.21 -6.72 11.89
C ASP B 360 29.97 -5.29 11.45
N VAL B 361 30.14 -4.33 12.37
CA VAL B 361 29.82 -2.94 12.07
C VAL B 361 30.76 -2.41 10.97
N ASN B 362 32.04 -2.80 11.03
CA ASN B 362 32.99 -2.40 10.00
C ASN B 362 32.60 -2.95 8.63
N LYS B 363 32.22 -4.23 8.58
CA LYS B 363 31.77 -4.78 7.32
C LYS B 363 30.55 -4.02 6.80
N ILE B 364 29.60 -3.72 7.70
CA ILE B 364 28.41 -2.96 7.33
C ILE B 364 28.78 -1.59 6.78
N THR B 365 29.67 -0.86 7.49
CA THR B 365 30.03 0.50 7.14
C THR B 365 30.88 0.55 5.86
N GLU B 366 31.80 -0.42 5.67
CA GLU B 366 32.54 -0.58 4.42
C GLU B 366 31.57 -0.74 3.22
N THR B 367 30.59 -1.65 3.35
CA THR B 367 29.67 -1.90 2.25
C THR B 367 28.89 -0.63 1.94
N LEU B 368 28.37 0.03 2.99
CA LEU B 368 27.58 1.24 2.83
C LEU B 368 28.43 2.23 2.07
N GLU B 369 29.68 2.42 2.53
CA GLU B 369 30.58 3.39 1.90
C GLU B 369 30.75 3.10 0.42
N GLN B 370 31.05 1.87 0.08
CA GLN B 370 31.17 1.44 -1.31
C GLN B 370 29.94 1.86 -2.11
N ILE B 371 28.74 1.60 -1.59
CA ILE B 371 27.50 1.82 -2.33
C ILE B 371 27.28 3.31 -2.57
N LEU B 372 27.46 4.12 -1.52
CA LEU B 372 27.12 5.54 -1.59
C LEU B 372 28.17 6.32 -2.36
N LEU B 373 29.39 5.79 -2.51
CA LEU B 373 30.48 6.53 -3.14
C LEU B 373 30.63 6.09 -4.59
N LYS B 374 30.00 4.97 -4.96
CA LYS B 374 29.88 4.53 -6.34
C LYS B 374 29.76 5.73 -7.27
C1 EDO C . -13.35 17.82 -13.12
O1 EDO C . -14.06 18.62 -14.09
C2 EDO C . -12.25 16.95 -13.68
O2 EDO C . -11.65 16.04 -12.74
NA NA D . -43.72 -1.95 -16.50
NA NA E . 8.65 13.85 -30.56
N1 A1ADI F . 27.02 -11.70 26.34
C4 A1ADI F . 28.22 -12.54 26.15
O3' A1ADI F . 28.13 -12.04 18.78
S1' A1ADI F . 29.10 -11.06 19.31
O1' A1ADI F . 30.38 -11.39 18.60
O2' A1ADI F . 28.71 -9.65 18.94
C1' A1ADI F . 29.34 -11.28 20.98
C2' A1ADI F . 28.22 -10.87 21.98
N1' A1ADI F . 28.50 -11.31 23.39
C4' A1ADI F . 27.99 -10.34 24.42
C3 A1ADI F . 26.76 -10.78 25.19
C3' A1ADI F . 28.17 -12.78 23.53
C19 A1ADI F . 27.98 -13.43 24.93
C2 A1ADI F . 26.97 -11.04 27.67
C1 A1ADI F . 26.25 -11.92 28.72
S1 A1ADI F . 24.64 -11.50 29.06
O1 A1ADI F . 23.75 -11.80 27.89
O2 A1ADI F . 24.15 -12.32 30.18
O3 A1ADI F . 24.57 -10.06 29.43
N1 A1ADI G . 39.31 -9.85 14.61
C4 A1ADI G . 39.24 -8.46 14.16
O3' A1ADI G . 43.41 -8.95 9.23
S1' A1ADI G . 42.30 -8.20 8.50
O1' A1ADI G . 42.41 -6.72 8.61
O2' A1ADI G . 42.42 -8.49 7.05
C1' A1ADI G . 40.78 -8.68 9.07
C2' A1ADI G . 40.85 -9.55 10.37
N1' A1ADI G . 39.67 -9.54 11.28
C4' A1ADI G . 39.78 -10.69 12.26
C3 A1ADI G . 38.83 -10.77 13.52
C3' A1ADI G . 39.64 -8.16 11.77
C19 A1ADI G . 40.26 -8.07 13.15
C2 A1ADI G . 38.68 -9.64 15.92
C1 A1ADI G . 37.96 -10.72 16.66
S1 A1ADI G . 38.24 -10.52 18.30
O1 A1ADI G . 39.37 -11.44 18.50
O2 A1ADI G . 37.10 -11.12 19.02
O3 A1ADI G . 38.41 -9.11 18.75
CL CL H . 33.36 -6.49 19.33
#